data_7OW6
#
_entry.id   7OW6
#
_cell.length_a   144.156
_cell.length_b   144.156
_cell.length_c   119.592
_cell.angle_alpha   90.00
_cell.angle_beta   90.00
_cell.angle_gamma   90.00
#
_symmetry.space_group_name_H-M   'P 41 2 2'
#
loop_
_entity.id
_entity.type
_entity.pdbx_description
1 polymer 'MHC class I antigen'
2 polymer Beta-2-microglobulin
3 polymer 'KRAS G12D peptide (VVVGADGVGK)'
4 polymer 'TCR alpha'
5 polymer 'TCR beta'
6 non-polymer 'SULFATE ION'
7 water water
#
loop_
_entity_poly.entity_id
_entity_poly.type
_entity_poly.pdbx_seq_one_letter_code
_entity_poly.pdbx_strand_id
1 'polypeptide(L)'
;GSHSMRYFYTSVSRPGRGEPRFIAVGYVDDTQFVRFDSDAASQRMEPRAPWIEQEGPEYWDQETRNVKAQSQTDRVDLGT
LRGYYNQSEDGSHTIQIMYGCDVGPDGRFLRGYRQDAYDGKDYIALNEDLRSWTAADMAAQITKRKWEAAHAAEQQRAYL
EGRCVEWLRRYLENGKETLQRTDPPKTHMTHHPISDHEATLRCWALGFYPAEITLTWQRDGEDQTQDTELVETRPAGDGT
FQKWAAVVVPSGEEQRYTCHVQHEGLPKPLTLRWEP
;
A
2 'polypeptide(L)'
;MIQRTPKIQVYSRHPAENGKSNFLNCYVSGFHPSDIEVDLLKNGERIEKVEHSDLSFSKDWSFYLLYYTEFTPTEKDEYA
CRVNHVTLSQPKIVKWDRDM
;
B
3 'polypeptide(L)' VVVGADGVGK C
4 'polypeptide(L)'
;AQKVTQAQTEISVVEKEDVTLDCVYETRDTAYYLFWYKQPPSGELVFLIRQPWWGEQNEISGRYSWNFQKSTSSFNFTIT
ASQVVDSAVYFCAMSVPSGDGSYQFTFGKGTKLSVIPNIQNPDPAVYQLRDSKSSDKSVCLFTDFDSQTNVSQSKDSDVY
ITDKCVLDMRSMDFKSNSAVAWSNKSDFACANAFNNSIIPEDT
;
D
5 'polypeptide(L)'
;MNAGVTQTPKFRVLKTGQSMTLLCAQDMNHEYMYWYRQDPGMGLRLIHYSVGEGTTAKGEVPDGYNVSRLKKQNFLLGLE
SAAPSQTSVYFCASKVGPGQHNSPLHFGNGTRLTVTEDLNKVFPPEVAVFEPSEAEISHTQKATLVCLATGFYPDHVELS
WWVNGKEVHSGVCTDPQPLKEQPALNDSRYALSSRLRVSATFWQDPRNHFRCQVQFYGLSENDEWTQDRAKPVTQIVSAE
AWGRAD
;
E
#
loop_
_chem_comp.id
_chem_comp.type
_chem_comp.name
_chem_comp.formula
SO4 non-polymer 'SULFATE ION' 'O4 S -2'
#
# COMPACT_ATOMS: atom_id res chain seq x y z
N GLY A 1 33.33 11.79 15.05
CA GLY A 1 33.75 11.12 13.79
C GLY A 1 32.62 10.28 13.23
N SER A 2 32.89 9.53 12.16
CA SER A 2 31.89 8.75 11.39
C SER A 2 30.91 8.04 12.35
N HIS A 3 29.63 8.13 12.04
CA HIS A 3 28.54 7.39 12.73
C HIS A 3 27.71 6.62 11.71
N SER A 4 26.72 5.88 12.19
CA SER A 4 25.88 4.95 11.38
C SER A 4 24.47 4.91 11.95
N MET A 5 23.50 4.44 11.17
CA MET A 5 22.21 3.91 11.68
C MET A 5 21.93 2.64 10.90
N ARG A 6 21.49 1.58 11.55
CA ARG A 6 21.20 0.31 10.85
C ARG A 6 19.92 -0.30 11.40
N TYR A 7 19.11 -0.89 10.52
CA TYR A 7 17.93 -1.68 10.91
C TYR A 7 18.20 -3.12 10.50
N PHE A 8 17.69 -4.07 11.30
CA PHE A 8 17.86 -5.53 11.08
C PHE A 8 16.49 -6.21 11.23
N TYR A 9 15.94 -6.66 10.11
CA TYR A 9 14.63 -7.35 10.00
C TYR A 9 14.93 -8.84 9.86
N THR A 10 14.18 -9.69 10.55
CA THR A 10 14.35 -11.16 10.51
C THR A 10 12.97 -11.80 10.48
N SER A 11 12.66 -12.56 9.43
CA SER A 11 11.33 -13.17 9.20
C SER A 11 11.53 -14.67 9.03
N VAL A 12 10.98 -15.45 9.96
CA VAL A 12 11.06 -16.92 9.99
C VAL A 12 9.68 -17.54 9.72
N SER A 13 9.58 -18.54 8.84
CA SER A 13 8.31 -19.25 8.57
C SER A 13 8.12 -20.35 9.62
N ARG A 14 6.86 -20.56 10.04
CA ARG A 14 6.42 -21.60 11.01
C ARG A 14 5.22 -22.33 10.41
N PRO A 15 5.42 -23.25 9.45
CA PRO A 15 4.30 -23.78 8.66
C PRO A 15 3.34 -24.56 9.57
N GLY A 16 2.05 -24.17 9.59
CA GLY A 16 1.02 -24.74 10.46
C GLY A 16 0.93 -24.03 11.81
N ARG A 17 2.08 -23.81 12.47
CA ARG A 17 2.25 -23.02 13.75
C ARG A 17 1.74 -21.57 13.59
N GLY A 18 1.33 -21.11 12.40
CA GLY A 18 0.67 -19.79 12.21
C GLY A 18 1.53 -18.82 11.39
N GLU A 19 1.22 -17.52 11.46
CA GLU A 19 1.94 -16.49 10.66
C GLU A 19 3.43 -16.50 11.00
N PRO A 20 4.31 -16.26 10.00
CA PRO A 20 5.75 -16.08 10.24
C PRO A 20 6.09 -15.13 11.38
N ARG A 21 7.12 -15.43 12.16
CA ARG A 21 7.71 -14.51 13.17
C ARG A 21 8.52 -13.41 12.49
N PHE A 22 8.23 -12.15 12.82
CA PHE A 22 9.05 -10.98 12.40
C PHE A 22 9.61 -10.27 13.63
N ILE A 23 10.88 -9.85 13.53
CA ILE A 23 11.62 -9.08 14.57
C ILE A 23 12.40 -7.98 13.86
N ALA A 24 12.23 -6.74 14.33
CA ALA A 24 13.00 -5.59 13.79
C ALA A 24 13.80 -4.97 14.93
N VAL A 25 15.04 -4.58 14.66
CA VAL A 25 15.89 -3.93 15.69
C VAL A 25 16.60 -2.74 15.05
N GLY A 26 16.60 -1.58 15.71
CA GLY A 26 17.36 -0.43 15.22
C GLY A 26 18.57 -0.06 16.07
N TYR A 27 19.69 0.19 15.43
CA TYR A 27 20.96 0.63 16.03
C TYR A 27 21.36 1.99 15.47
N VAL A 28 21.81 2.87 16.36
CA VAL A 28 22.75 3.97 16.05
C VAL A 28 24.14 3.60 16.59
N ASP A 29 25.15 3.56 15.73
CA ASP A 29 26.48 3.06 16.12
C ASP A 29 26.27 1.69 16.74
N ASP A 30 26.78 1.41 17.93
CA ASP A 30 26.72 0.06 18.56
C ASP A 30 25.58 0.00 19.57
N THR A 31 24.71 1.02 19.58
CA THR A 31 23.66 1.20 20.61
C THR A 31 22.29 0.98 20.01
N GLN A 32 21.58 -0.08 20.42
CA GLN A 32 20.20 -0.32 19.94
C GLN A 32 19.32 0.81 20.47
N PHE A 33 18.17 1.03 19.84
CA PHE A 33 17.25 2.09 20.32
C PHE A 33 15.77 1.79 20.08
N VAL A 34 15.43 0.80 19.27
CA VAL A 34 14.01 0.44 18.99
C VAL A 34 13.92 -1.05 18.72
N ARG A 35 12.70 -1.59 18.74
CA ARG A 35 12.50 -3.03 18.47
C ARG A 35 11.03 -3.33 18.14
N PHE A 36 10.77 -4.47 17.51
CA PHE A 36 9.38 -4.89 17.24
C PHE A 36 9.33 -6.42 17.16
N ASP A 37 8.36 -7.03 17.82
CA ASP A 37 8.18 -8.50 17.78
C ASP A 37 6.71 -8.83 17.52
N SER A 38 6.41 -9.55 16.43
CA SER A 38 5.02 -9.89 15.99
C SER A 38 4.28 -10.60 17.13
N ASP A 39 4.98 -11.33 17.99
CA ASP A 39 4.42 -12.27 19.02
C ASP A 39 4.19 -11.53 20.34
N ALA A 40 4.89 -10.41 20.55
CA ALA A 40 4.74 -9.49 21.72
C ALA A 40 3.32 -8.92 21.80
N ALA A 41 2.72 -8.91 23.01
CA ALA A 41 1.30 -8.49 23.22
C ALA A 41 1.13 -7.04 22.78
N SER A 42 2.18 -6.27 23.07
CA SER A 42 2.47 -4.86 22.69
C SER A 42 1.87 -4.48 21.31
N GLN A 43 2.33 -5.14 20.24
CA GLN A 43 1.93 -4.87 18.84
C GLN A 43 2.34 -3.45 18.42
N ARG A 44 3.47 -2.95 18.93
CA ARG A 44 3.92 -1.59 18.59
C ARG A 44 5.45 -1.54 18.60
N MET A 45 6.04 -0.56 17.91
CA MET A 45 7.51 -0.40 17.97
C MET A 45 7.82 0.07 19.38
N GLU A 46 8.87 -0.46 20.00
CA GLU A 46 9.11 -0.13 21.43
C GLU A 46 10.48 0.52 21.63
N PRO A 47 10.59 1.53 22.51
CA PRO A 47 11.88 2.12 22.84
C PRO A 47 12.80 1.09 23.51
N ARG A 48 14.12 1.24 23.30
CA ARG A 48 15.14 0.34 23.90
C ARG A 48 16.32 1.20 24.38
N ALA A 49 16.28 2.51 24.13
CA ALA A 49 17.29 3.47 24.64
C ALA A 49 16.55 4.66 25.27
N PRO A 50 17.08 5.24 26.36
CA PRO A 50 16.43 6.36 27.02
C PRO A 50 16.09 7.53 26.08
N TRP A 51 17.02 7.87 25.17
CA TRP A 51 17.01 9.12 24.37
C TRP A 51 16.04 9.02 23.20
N ILE A 52 15.45 7.86 22.94
CA ILE A 52 14.33 7.76 21.96
C ILE A 52 12.98 7.94 22.67
N GLU A 53 12.89 7.74 23.98
CA GLU A 53 11.61 7.72 24.76
C GLU A 53 10.83 9.02 24.55
N GLN A 54 11.55 10.14 24.36
CA GLN A 54 11.00 11.51 24.21
C GLN A 54 10.34 11.75 22.84
N GLU A 55 10.33 10.77 21.92
CA GLU A 55 9.65 10.92 20.61
C GLU A 55 8.15 10.80 20.87
N GLY A 56 7.38 11.78 20.41
CA GLY A 56 5.91 11.78 20.59
C GLY A 56 5.24 10.57 19.94
N PRO A 57 3.92 10.38 20.17
CA PRO A 57 3.25 9.11 19.90
C PRO A 57 3.00 8.93 18.39
N GLU A 58 3.12 10.03 17.64
CA GLU A 58 3.00 10.11 16.16
C GLU A 58 4.25 9.53 15.51
N TYR A 59 5.41 9.65 16.15
CA TYR A 59 6.66 8.94 15.77
C TYR A 59 6.35 7.45 15.81
N TRP A 60 5.93 6.96 16.98
CA TRP A 60 5.69 5.53 17.29
C TRP A 60 4.56 4.94 16.44
N ASP A 61 3.57 5.75 16.05
CA ASP A 61 2.47 5.28 15.16
C ASP A 61 3.04 4.92 13.77
N GLN A 62 3.65 5.91 13.13
CA GLN A 62 4.27 5.80 11.78
C GLN A 62 5.31 4.68 11.78
N GLU A 63 6.22 4.63 12.76
CA GLU A 63 7.25 3.57 12.80
C GLU A 63 6.56 2.21 12.92
N THR A 64 5.53 2.10 13.77
CA THR A 64 4.79 0.84 13.99
C THR A 64 4.20 0.40 12.65
N ARG A 65 3.46 1.28 11.98
CA ARG A 65 2.68 0.91 10.76
C ARG A 65 3.62 0.56 9.60
N ASN A 66 4.71 1.32 9.44
CA ASN A 66 5.67 1.07 8.34
C ASN A 66 6.24 -0.33 8.55
N VAL A 67 6.75 -0.58 9.74
CA VAL A 67 7.46 -1.84 10.05
C VAL A 67 6.47 -2.99 10.00
N LYS A 68 5.21 -2.79 10.38
CA LYS A 68 4.19 -3.86 10.24
C LYS A 68 3.98 -4.12 8.77
N ALA A 69 3.92 -3.05 7.96
CA ALA A 69 3.74 -3.17 6.50
C ALA A 69 4.81 -4.10 5.96
N GLN A 70 6.08 -3.88 6.31
CA GLN A 70 7.18 -4.72 5.78
C GLN A 70 7.00 -6.16 6.27
N SER A 71 6.53 -6.34 7.51
CA SER A 71 6.34 -7.68 8.11
C SER A 71 5.40 -8.46 7.21
N GLN A 72 4.38 -7.81 6.68
CA GLN A 72 3.37 -8.47 5.82
C GLN A 72 4.04 -8.81 4.46
N THR A 73 4.81 -7.88 3.87
CA THR A 73 5.55 -8.17 2.63
C THR A 73 6.43 -9.41 2.83
N ASP A 74 7.24 -9.40 3.90
CA ASP A 74 8.14 -10.54 4.28
C ASP A 74 7.31 -11.82 4.29
N ARG A 75 6.07 -11.78 4.79
CA ARG A 75 5.21 -12.98 4.82
C ARG A 75 4.97 -13.41 3.38
N VAL A 76 4.44 -12.54 2.53
CA VAL A 76 4.24 -12.96 1.11
C VAL A 76 5.60 -13.41 0.54
N ASP A 77 6.67 -12.62 0.72
CA ASP A 77 8.00 -12.97 0.17
C ASP A 77 8.35 -14.43 0.47
N LEU A 78 8.13 -14.91 1.69
CA LEU A 78 8.54 -16.28 2.11
C LEU A 78 7.91 -17.32 1.18
N GLY A 79 6.64 -17.12 0.84
CA GLY A 79 5.86 -18.00 -0.05
C GLY A 79 6.29 -17.88 -1.52
N THR A 80 6.60 -16.67 -1.98
CA THR A 80 7.16 -16.44 -3.33
C THR A 80 8.44 -17.25 -3.49
N LEU A 81 9.40 -17.06 -2.58
CA LEU A 81 10.78 -17.63 -2.64
C LEU A 81 10.70 -19.14 -2.46
N ARG A 82 9.85 -19.63 -1.56
CA ARG A 82 9.58 -21.08 -1.47
C ARG A 82 9.14 -21.55 -2.86
N GLY A 83 8.29 -20.76 -3.53
CA GLY A 83 7.87 -20.96 -4.94
C GLY A 83 9.07 -20.99 -5.87
N TYR A 84 9.89 -19.93 -5.89
CA TYR A 84 11.08 -19.82 -6.78
C TYR A 84 11.99 -21.05 -6.61
N TYR A 85 12.25 -21.46 -5.36
CA TYR A 85 13.22 -22.53 -5.01
C TYR A 85 12.54 -23.91 -5.07
N ASN A 86 11.23 -23.96 -5.34
CA ASN A 86 10.44 -25.21 -5.45
C ASN A 86 10.66 -26.08 -4.21
N GLN A 87 10.56 -25.46 -3.05
CA GLN A 87 10.68 -26.08 -1.71
C GLN A 87 9.29 -26.49 -1.21
N SER A 88 9.20 -27.52 -0.38
CA SER A 88 7.93 -28.01 0.22
C SER A 88 7.56 -27.06 1.34
N GLU A 89 6.27 -26.98 1.68
CA GLU A 89 5.81 -26.05 2.75
C GLU A 89 5.88 -26.72 4.13
N ASP A 90 6.49 -27.90 4.25
CA ASP A 90 6.87 -28.48 5.57
C ASP A 90 7.91 -27.59 6.24
N GLY A 91 8.99 -27.24 5.52
CA GLY A 91 10.23 -26.67 6.07
C GLY A 91 10.07 -25.24 6.55
N SER A 92 10.86 -24.87 7.56
CA SER A 92 10.97 -23.50 8.09
C SER A 92 12.14 -22.80 7.38
N HIS A 93 11.96 -21.54 6.97
CA HIS A 93 12.99 -20.71 6.27
C HIS A 93 12.97 -19.28 6.80
N THR A 94 13.97 -18.50 6.37
CA THR A 94 14.38 -17.21 6.98
C THR A 94 14.76 -16.18 5.90
N ILE A 95 14.08 -15.04 5.88
CA ILE A 95 14.53 -13.81 5.17
C ILE A 95 15.10 -12.84 6.19
N GLN A 96 16.33 -12.38 6.00
CA GLN A 96 16.90 -11.28 6.79
C GLN A 96 17.08 -10.07 5.87
N ILE A 97 16.76 -8.87 6.37
CA ILE A 97 16.91 -7.57 5.66
C ILE A 97 17.72 -6.67 6.57
N MET A 98 18.87 -6.21 6.11
CA MET A 98 19.70 -5.21 6.78
C MET A 98 19.65 -3.98 5.88
N TYR A 99 19.58 -2.79 6.44
CA TYR A 99 19.84 -1.56 5.67
C TYR A 99 20.28 -0.46 6.65
N GLY A 100 20.61 0.71 6.10
CA GLY A 100 20.88 1.95 6.84
C GLY A 100 21.98 2.76 6.17
N CYS A 101 22.44 3.83 6.81
CA CYS A 101 23.41 4.77 6.23
C CYS A 101 24.56 5.06 7.21
N ASP A 102 25.67 5.57 6.66
CA ASP A 102 26.83 6.17 7.37
C ASP A 102 26.86 7.70 7.10
N VAL A 103 27.13 8.49 8.14
CA VAL A 103 27.50 9.93 7.99
C VAL A 103 28.95 10.13 8.45
N GLY A 104 29.56 11.22 7.95
CA GLY A 104 30.96 11.58 8.22
C GLY A 104 31.06 12.53 9.40
N PRO A 105 32.29 12.84 9.90
CA PRO A 105 32.44 13.80 10.98
C PRO A 105 31.60 15.05 10.66
N ASP A 106 31.50 15.39 9.37
CA ASP A 106 30.80 16.58 8.82
C ASP A 106 29.27 16.46 8.91
N GLY A 107 28.71 15.28 9.18
CA GLY A 107 27.25 15.04 9.28
C GLY A 107 26.63 14.65 7.94
N ARG A 108 27.43 14.62 6.87
CA ARG A 108 26.92 14.44 5.48
C ARG A 108 26.84 12.96 5.14
N PHE A 109 26.13 12.63 4.08
CA PHE A 109 25.97 11.24 3.62
C PHE A 109 27.33 10.70 3.14
N LEU A 110 27.73 9.49 3.53
CA LEU A 110 28.89 8.76 2.94
C LEU A 110 28.42 7.53 2.13
N ARG A 111 27.58 6.68 2.71
CA ARG A 111 27.26 5.33 2.17
C ARG A 111 25.86 4.94 2.64
N GLY A 112 25.19 4.12 1.84
CA GLY A 112 23.90 3.50 2.18
C GLY A 112 23.97 2.00 1.94
N TYR A 113 23.08 1.23 2.55
CA TYR A 113 23.03 -0.24 2.35
C TYR A 113 21.58 -0.70 2.40
N ARG A 114 21.28 -1.69 1.57
CA ARG A 114 20.06 -2.53 1.64
C ARG A 114 20.46 -3.89 1.09
N GLN A 115 20.37 -4.91 1.93
CA GLN A 115 20.81 -6.30 1.63
C GLN A 115 19.79 -7.25 2.25
N ASP A 116 19.41 -8.27 1.48
CA ASP A 116 18.48 -9.32 1.92
C ASP A 116 19.16 -10.67 1.74
N ALA A 117 18.66 -11.68 2.44
CA ALA A 117 19.26 -13.02 2.51
C ALA A 117 18.16 -14.03 2.79
N TYR A 118 18.14 -15.12 2.02
CA TYR A 118 17.25 -16.29 2.23
C TYR A 118 18.11 -17.37 2.87
N ASP A 119 17.61 -17.99 3.93
CA ASP A 119 18.28 -19.11 4.64
C ASP A 119 19.75 -18.74 4.87
N GLY A 120 20.01 -17.48 5.29
CA GLY A 120 21.31 -17.00 5.76
C GLY A 120 22.40 -17.06 4.71
N LYS A 121 22.04 -16.78 3.46
CA LYS A 121 22.96 -16.63 2.30
C LYS A 121 22.53 -15.38 1.51
N ASP A 122 23.48 -14.51 1.14
CA ASP A 122 23.21 -13.37 0.24
C ASP A 122 22.14 -13.79 -0.77
N TYR A 123 21.02 -13.06 -0.86
CA TYR A 123 19.97 -13.23 -1.89
C TYR A 123 20.06 -12.06 -2.88
N ILE A 124 19.77 -10.83 -2.44
CA ILE A 124 19.92 -9.63 -3.30
C ILE A 124 20.51 -8.50 -2.45
N ALA A 125 21.35 -7.67 -3.10
CA ALA A 125 22.02 -6.51 -2.48
C ALA A 125 21.87 -5.26 -3.36
N LEU A 126 21.66 -4.10 -2.75
CA LEU A 126 21.70 -2.80 -3.46
C LEU A 126 23.16 -2.39 -3.61
N ASN A 127 23.60 -1.94 -4.77
CA ASN A 127 25.03 -1.55 -4.92
C ASN A 127 25.29 -0.17 -4.30
N GLU A 128 26.56 0.22 -4.29
CA GLU A 128 27.04 1.45 -3.62
C GLU A 128 26.50 2.68 -4.36
N ASP A 129 26.24 2.57 -5.66
CA ASP A 129 25.67 3.70 -6.46
C ASP A 129 24.20 3.90 -6.06
N LEU A 130 23.61 2.96 -5.30
CA LEU A 130 22.21 2.98 -4.81
C LEU A 130 21.22 3.06 -5.98
N ARG A 131 21.57 2.52 -7.14
CA ARG A 131 20.76 2.66 -8.38
C ARG A 131 20.63 1.29 -9.06
N SER A 132 21.47 0.33 -8.65
CA SER A 132 21.59 -1.03 -9.22
C SER A 132 21.61 -2.10 -8.11
N TRP A 133 21.37 -3.35 -8.49
CA TRP A 133 21.13 -4.50 -7.58
C TRP A 133 22.05 -5.67 -7.96
N THR A 134 22.64 -6.36 -6.99
CA THR A 134 23.39 -7.62 -7.25
C THR A 134 22.55 -8.81 -6.74
N ALA A 135 22.32 -9.79 -7.63
CA ALA A 135 21.54 -11.02 -7.41
C ALA A 135 22.49 -12.20 -7.24
N ALA A 136 22.28 -13.00 -6.21
CA ALA A 136 23.24 -14.03 -5.73
C ALA A 136 23.06 -15.31 -6.54
N ASP A 137 21.84 -15.58 -7.03
CA ASP A 137 21.46 -16.80 -7.82
C ASP A 137 20.21 -16.52 -8.69
N MET A 138 19.73 -17.51 -9.45
CA MET A 138 18.65 -17.32 -10.46
C MET A 138 17.36 -16.77 -9.81
N ALA A 139 16.99 -17.26 -8.63
CA ALA A 139 15.77 -16.77 -7.94
C ALA A 139 15.80 -15.24 -7.81
N ALA A 140 16.91 -14.68 -7.34
CA ALA A 140 17.10 -13.22 -7.13
C ALA A 140 17.17 -12.50 -8.49
N GLN A 141 17.49 -13.21 -9.57
CA GLN A 141 17.53 -12.59 -10.92
C GLN A 141 16.13 -12.16 -11.36
N ILE A 142 15.11 -12.93 -10.95
CA ILE A 142 13.67 -12.61 -11.13
C ILE A 142 13.36 -11.36 -10.31
N THR A 143 13.55 -11.43 -9.00
CA THR A 143 13.36 -10.29 -8.08
C THR A 143 14.05 -9.05 -8.68
N LYS A 144 15.29 -9.20 -9.15
CA LYS A 144 16.03 -8.03 -9.71
C LYS A 144 15.20 -7.41 -10.85
N ARG A 145 14.94 -8.17 -11.90
CA ARG A 145 14.12 -7.69 -13.04
C ARG A 145 12.91 -6.91 -12.53
N LYS A 146 12.09 -7.54 -11.67
CA LYS A 146 10.92 -6.87 -11.04
C LYS A 146 11.35 -5.52 -10.45
N TRP A 147 12.36 -5.55 -9.59
CA TRP A 147 12.77 -4.33 -8.85
C TRP A 147 13.34 -3.29 -9.84
N GLU A 148 13.96 -3.74 -10.92
CA GLU A 148 14.51 -2.83 -11.95
C GLU A 148 13.34 -2.09 -12.60
N ALA A 149 12.26 -2.81 -12.94
CA ALA A 149 11.05 -2.29 -13.64
C ALA A 149 10.24 -1.35 -12.75
N ALA A 150 10.14 -1.66 -11.45
CA ALA A 150 9.44 -0.89 -10.39
C ALA A 150 10.25 0.32 -9.89
N HIS A 151 11.54 0.43 -10.26
CA HIS A 151 12.47 1.48 -9.80
C HIS A 151 12.56 1.44 -8.27
N ALA A 152 12.56 0.26 -7.69
CA ALA A 152 12.67 0.09 -6.22
C ALA A 152 13.94 0.77 -5.68
N ALA A 153 15.07 0.69 -6.37
CA ALA A 153 16.35 1.27 -5.91
C ALA A 153 16.11 2.72 -5.57
N GLU A 154 15.36 3.45 -6.40
CA GLU A 154 15.09 4.90 -6.21
C GLU A 154 14.37 5.07 -4.86
N GLN A 155 13.62 4.07 -4.42
CA GLN A 155 12.89 4.17 -3.13
C GLN A 155 13.92 4.08 -2.00
N GLN A 156 14.74 3.05 -2.01
CA GLN A 156 15.86 2.91 -1.04
C GLN A 156 16.70 4.20 -1.03
N ARG A 157 17.20 4.60 -2.18
CA ARG A 157 18.15 5.74 -2.22
C ARG A 157 17.48 6.96 -1.60
N ALA A 158 16.22 7.21 -1.92
CA ALA A 158 15.51 8.41 -1.42
C ALA A 158 15.54 8.42 0.11
N TYR A 159 15.34 7.25 0.71
CA TYR A 159 15.43 7.06 2.18
C TYR A 159 16.90 7.23 2.59
N LEU A 160 17.79 6.38 2.06
CA LEU A 160 19.21 6.29 2.48
C LEU A 160 19.93 7.65 2.42
N GLU A 161 19.61 8.52 1.45
CA GLU A 161 20.32 9.82 1.25
C GLU A 161 19.49 10.91 1.93
N GLY A 162 18.31 10.53 2.45
CA GLY A 162 17.22 11.45 2.83
C GLY A 162 16.89 11.37 4.30
N ARG A 163 15.86 10.60 4.68
CA ARG A 163 15.37 10.45 6.08
C ARG A 163 16.37 9.68 6.95
N CYS A 164 17.03 8.68 6.39
CA CYS A 164 18.06 7.91 7.13
C CYS A 164 19.07 8.89 7.72
N VAL A 165 19.56 9.88 6.96
CA VAL A 165 20.60 10.77 7.51
C VAL A 165 19.87 11.82 8.34
N GLU A 166 18.75 12.38 7.85
CA GLU A 166 17.96 13.44 8.56
C GLU A 166 17.85 13.01 10.02
N TRP A 167 17.59 11.72 10.25
CA TRP A 167 17.15 11.21 11.58
C TRP A 167 18.34 10.70 12.39
N LEU A 168 19.33 10.10 11.71
CA LEU A 168 20.63 9.77 12.34
C LEU A 168 21.10 10.99 13.12
N ARG A 169 21.06 12.15 12.46
CA ARG A 169 21.51 13.47 12.97
C ARG A 169 20.66 13.87 14.19
N ARG A 170 19.33 13.70 14.17
CA ARG A 170 18.47 13.99 15.35
C ARG A 170 18.86 13.07 16.51
N TYR A 171 18.93 11.78 16.26
CA TYR A 171 19.32 10.74 17.25
C TYR A 171 20.64 11.18 17.92
N LEU A 172 21.68 11.39 17.11
CA LEU A 172 23.05 11.74 17.58
C LEU A 172 23.01 13.04 18.41
N GLU A 173 22.09 13.97 18.13
CA GLU A 173 22.00 15.23 18.93
C GLU A 173 21.14 14.90 20.15
N ASN A 174 19.88 14.54 19.94
CA ASN A 174 18.92 14.24 21.02
C ASN A 174 19.69 13.56 22.15
N GLY A 175 20.27 12.40 21.82
CA GLY A 175 20.93 11.49 22.77
C GLY A 175 22.45 11.56 22.67
N LYS A 176 23.00 12.78 22.63
CA LYS A 176 24.45 13.01 22.38
C LYS A 176 25.24 12.58 23.63
N GLU A 177 24.61 12.66 24.81
CA GLU A 177 25.27 12.39 26.12
C GLU A 177 25.71 10.93 26.22
N THR A 178 25.11 10.00 25.48
CA THR A 178 25.53 8.58 25.45
C THR A 178 26.21 8.24 24.11
N LEU A 179 25.71 8.76 22.99
CA LEU A 179 26.13 8.25 21.66
C LEU A 179 27.46 8.85 21.21
N GLN A 180 27.72 10.12 21.50
CA GLN A 180 28.96 10.82 21.09
C GLN A 180 29.98 10.83 22.25
N ARG A 181 29.68 10.19 23.37
CA ARG A 181 30.65 10.06 24.51
C ARG A 181 31.39 8.73 24.31
N THR A 182 32.66 8.66 24.69
CA THR A 182 33.45 7.41 24.70
C THR A 182 33.73 7.00 26.15
N ASP A 183 33.74 5.68 26.39
CA ASP A 183 34.16 5.00 27.63
C ASP A 183 35.46 4.27 27.31
N PRO A 184 36.62 4.67 27.88
CA PRO A 184 37.90 4.02 27.58
C PRO A 184 38.02 2.62 28.18
N PRO A 185 38.81 1.72 27.55
CA PRO A 185 38.96 0.36 28.08
C PRO A 185 39.67 0.37 29.43
N LYS A 186 39.03 -0.17 30.48
CA LYS A 186 39.68 -0.41 31.79
C LYS A 186 40.33 -1.80 31.68
N THR A 187 41.66 -1.87 31.77
CA THR A 187 42.48 -3.04 31.34
C THR A 187 43.28 -3.64 32.49
N HIS A 188 43.41 -4.96 32.54
CA HIS A 188 44.36 -5.68 33.44
C HIS A 188 44.94 -6.89 32.68
N MET A 189 45.78 -7.68 33.34
CA MET A 189 46.55 -8.79 32.72
C MET A 189 46.44 -10.03 33.61
N THR A 190 46.35 -11.23 33.05
CA THR A 190 46.21 -12.53 33.78
C THR A 190 47.24 -13.53 33.23
N HIS A 191 47.67 -14.44 34.10
CA HIS A 191 48.79 -15.38 33.90
C HIS A 191 48.33 -16.75 34.43
N HIS A 192 48.22 -17.75 33.56
CA HIS A 192 47.94 -19.18 33.90
C HIS A 192 49.08 -20.04 33.37
N PRO A 193 49.90 -20.72 34.21
CA PRO A 193 50.88 -21.66 33.69
C PRO A 193 50.15 -22.81 32.98
N ILE A 194 50.52 -23.17 31.75
CA ILE A 194 49.82 -24.27 31.01
C ILE A 194 50.66 -25.54 31.19
N SER A 195 51.97 -25.37 31.08
CA SER A 195 52.91 -26.50 31.22
C SER A 195 54.06 -26.07 32.12
N ASP A 196 55.02 -26.97 32.36
CA ASP A 196 56.18 -26.64 33.23
C ASP A 196 57.22 -25.93 32.39
N HIS A 197 56.87 -25.59 31.14
CA HIS A 197 57.82 -24.89 30.25
C HIS A 197 57.10 -23.76 29.52
N GLU A 198 55.76 -23.78 29.52
CA GLU A 198 55.01 -22.77 28.75
C GLU A 198 53.89 -22.16 29.61
N ALA A 199 53.64 -20.87 29.44
CA ALA A 199 52.55 -20.20 30.17
C ALA A 199 51.76 -19.31 29.21
N THR A 200 50.56 -18.86 29.60
CA THR A 200 49.66 -17.95 28.84
C THR A 200 49.60 -16.59 29.54
N LEU A 201 49.74 -15.50 28.79
CA LEU A 201 49.39 -14.12 29.22
C LEU A 201 48.08 -13.72 28.55
N ARG A 202 47.15 -13.16 29.33
CA ARG A 202 45.86 -12.66 28.81
C ARG A 202 45.73 -11.17 29.14
N CYS A 203 45.63 -10.35 28.09
CA CYS A 203 45.42 -8.89 28.15
C CYS A 203 43.93 -8.61 28.08
N TRP A 204 43.34 -8.02 29.12
CA TRP A 204 41.89 -7.72 29.18
C TRP A 204 41.62 -6.24 28.90
N ALA A 205 40.45 -5.93 28.33
CA ALA A 205 39.94 -4.56 28.13
C ALA A 205 38.44 -4.59 28.44
N LEU A 206 37.97 -3.72 29.32
CA LEU A 206 36.61 -3.82 29.92
C LEU A 206 35.85 -2.47 29.90
N GLY A 207 34.54 -2.59 29.69
CA GLY A 207 33.59 -1.46 29.76
C GLY A 207 34.01 -0.32 28.85
N PHE A 208 34.25 -0.63 27.57
CA PHE A 208 34.63 0.39 26.55
C PHE A 208 33.47 0.56 25.57
N TYR A 209 33.26 1.79 25.11
CA TYR A 209 32.33 2.15 24.02
C TYR A 209 33.03 3.18 23.14
N PRO A 210 32.91 3.12 21.80
CA PRO A 210 32.20 2.06 21.08
C PRO A 210 33.07 0.80 21.02
N ALA A 211 32.70 -0.18 20.18
CA ALA A 211 33.15 -1.60 20.30
C ALA A 211 34.42 -1.85 19.47
N GLU A 212 34.77 -0.90 18.58
CA GLU A 212 36.03 -0.97 17.80
C GLU A 212 37.17 -0.88 18.82
N ILE A 213 38.07 -1.84 18.82
CA ILE A 213 39.31 -1.77 19.63
C ILE A 213 40.38 -2.67 19.05
N THR A 214 41.65 -2.30 19.20
CA THR A 214 42.77 -3.07 18.62
C THR A 214 43.66 -3.49 19.78
N LEU A 215 43.64 -4.77 20.13
CA LEU A 215 44.66 -5.36 21.05
C LEU A 215 45.80 -5.96 20.23
N THR A 216 47.03 -5.83 20.69
CA THR A 216 48.23 -6.29 19.96
C THR A 216 49.28 -6.62 21.00
N TRP A 217 50.17 -7.54 20.67
CA TRP A 217 51.31 -7.99 21.52
C TRP A 217 52.62 -7.60 20.83
N GLN A 218 53.64 -7.29 21.62
CA GLN A 218 55.03 -7.11 21.16
C GLN A 218 55.94 -8.00 22.00
N ARG A 219 57.16 -8.21 21.53
CA ARG A 219 58.21 -9.01 22.24
C ARG A 219 59.49 -8.24 22.03
N ASP A 220 60.10 -7.76 23.10
CA ASP A 220 61.23 -6.82 23.03
C ASP A 220 60.92 -5.73 22.00
N GLY A 221 59.71 -5.17 21.98
CA GLY A 221 59.39 -3.96 21.21
C GLY A 221 58.85 -4.23 19.82
N GLU A 222 58.94 -5.48 19.35
CA GLU A 222 58.63 -5.92 17.96
C GLU A 222 57.28 -6.64 17.96
N ASP A 223 56.41 -6.32 17.00
CA ASP A 223 55.04 -6.92 16.88
C ASP A 223 55.15 -8.43 16.84
N GLN A 224 54.29 -9.12 17.58
CA GLN A 224 54.19 -10.59 17.59
C GLN A 224 52.73 -11.00 17.42
N THR A 225 52.40 -11.75 16.36
CA THR A 225 51.07 -12.41 16.20
C THR A 225 51.18 -13.94 16.30
N GLN A 226 52.36 -14.55 16.09
CA GLN A 226 52.62 -15.99 16.38
C GLN A 226 52.26 -16.31 17.83
N ASP A 227 51.41 -17.32 17.99
CA ASP A 227 50.98 -17.89 19.29
C ASP A 227 50.16 -16.85 20.08
N THR A 228 49.37 -16.02 19.39
CA THR A 228 48.48 -15.00 19.97
C THR A 228 47.06 -15.41 19.60
N GLU A 229 46.02 -14.81 20.18
CA GLU A 229 44.60 -15.24 20.03
C GLU A 229 43.72 -14.06 20.45
N LEU A 230 42.74 -13.65 19.64
CA LEU A 230 41.71 -12.60 19.97
C LEU A 230 40.36 -13.25 20.25
N VAL A 231 39.55 -12.78 21.20
CA VAL A 231 38.14 -13.25 21.33
C VAL A 231 37.25 -12.29 20.56
N GLU A 232 36.13 -12.81 20.05
CA GLU A 232 35.01 -11.96 19.59
C GLU A 232 34.77 -10.95 20.71
N THR A 233 34.75 -9.66 20.37
CA THR A 233 34.21 -8.61 21.25
C THR A 233 32.80 -9.05 21.66
N ARG A 234 32.46 -8.90 22.93
CA ARG A 234 31.19 -9.35 23.54
C ARG A 234 30.58 -8.20 24.31
N PRO A 235 29.25 -8.13 24.37
CA PRO A 235 28.57 -7.05 25.08
C PRO A 235 28.58 -7.33 26.59
N ALA A 236 28.63 -6.28 27.41
CA ALA A 236 28.59 -6.41 28.88
C ALA A 236 27.14 -6.47 29.36
N GLY A 237 26.22 -5.92 28.57
CA GLY A 237 24.79 -5.88 28.92
C GLY A 237 24.39 -4.54 29.50
N ASP A 238 25.34 -3.59 29.63
CA ASP A 238 25.13 -2.23 30.18
C ASP A 238 25.61 -1.19 29.17
N GLY A 239 25.61 -1.53 27.88
CA GLY A 239 25.97 -0.56 26.83
C GLY A 239 27.45 -0.59 26.50
N THR A 240 28.28 -1.20 27.35
CA THR A 240 29.74 -1.36 27.08
C THR A 240 30.05 -2.78 26.60
N PHE A 241 31.34 -2.98 26.33
CA PHE A 241 31.91 -4.11 25.57
C PHE A 241 33.23 -4.53 26.22
N GLN A 242 33.55 -5.81 26.06
CA GLN A 242 34.69 -6.52 26.66
C GLN A 242 35.42 -7.30 25.57
N LYS A 243 36.73 -7.45 25.68
CA LYS A 243 37.53 -8.23 24.71
C LYS A 243 38.87 -8.50 25.35
N TRP A 244 39.50 -9.60 24.99
CA TRP A 244 40.83 -9.95 25.53
C TRP A 244 41.68 -10.54 24.42
N ALA A 245 42.98 -10.48 24.62
CA ALA A 245 44.00 -11.06 23.72
C ALA A 245 44.93 -11.92 24.58
N ALA A 246 45.25 -13.13 24.13
CA ALA A 246 46.18 -14.00 24.85
C ALA A 246 47.38 -14.23 23.93
N VAL A 247 48.54 -14.48 24.53
CA VAL A 247 49.78 -14.96 23.84
C VAL A 247 50.38 -16.03 24.75
N VAL A 248 51.00 -17.06 24.15
CA VAL A 248 51.68 -18.18 24.88
C VAL A 248 53.18 -17.87 24.86
N VAL A 249 53.84 -17.83 26.00
CA VAL A 249 55.26 -17.44 26.09
C VAL A 249 55.99 -18.55 26.82
N PRO A 250 57.34 -18.63 26.72
CA PRO A 250 58.09 -19.61 27.47
C PRO A 250 58.11 -19.15 28.93
N SER A 251 58.12 -20.11 29.85
CA SER A 251 58.07 -19.76 31.30
C SER A 251 59.30 -18.94 31.67
N GLY A 252 59.12 -17.89 32.47
CA GLY A 252 60.26 -17.06 32.94
C GLY A 252 60.70 -16.02 31.93
N GLU A 253 59.91 -15.80 30.87
CA GLU A 253 60.21 -14.83 29.78
C GLU A 253 59.01 -13.89 29.62
N GLU A 254 58.19 -13.77 30.67
CA GLU A 254 56.94 -12.96 30.65
C GLU A 254 57.24 -11.46 30.47
N GLN A 255 58.34 -10.96 31.06
CA GLN A 255 58.64 -9.50 31.23
C GLN A 255 58.92 -8.86 29.85
N ARG A 256 59.32 -9.69 28.88
CA ARG A 256 59.68 -9.32 27.48
C ARG A 256 58.41 -9.04 26.66
N TYR A 257 57.26 -9.55 27.12
CA TYR A 257 55.97 -9.40 26.40
C TYR A 257 55.22 -8.18 26.99
N THR A 258 54.76 -7.29 26.09
CA THR A 258 53.90 -6.12 26.39
C THR A 258 52.64 -6.16 25.53
N CYS A 259 51.52 -5.71 26.09
CA CYS A 259 50.20 -5.65 25.41
C CYS A 259 49.86 -4.21 25.09
N HIS A 260 49.38 -3.97 23.86
CA HIS A 260 49.09 -2.63 23.28
C HIS A 260 47.59 -2.51 23.09
N VAL A 261 47.00 -1.47 23.66
CA VAL A 261 45.54 -1.19 23.59
C VAL A 261 45.37 0.17 22.93
N GLN A 262 44.67 0.19 21.79
CA GLN A 262 44.28 1.38 21.01
C GLN A 262 42.76 1.39 20.97
N HIS A 263 42.13 2.53 21.29
CA HIS A 263 40.66 2.73 21.26
C HIS A 263 40.38 4.22 21.07
N GLU A 264 39.23 4.54 20.51
CA GLU A 264 38.81 5.94 20.19
C GLU A 264 39.06 6.85 21.41
N GLY A 265 38.68 6.41 22.61
CA GLY A 265 38.74 7.22 23.85
C GLY A 265 40.02 7.04 24.62
N LEU A 266 41.16 7.12 23.93
CA LEU A 266 42.53 7.06 24.50
C LEU A 266 43.40 8.04 23.72
N PRO A 267 43.81 9.19 24.32
CA PRO A 267 44.73 10.12 23.64
C PRO A 267 45.96 9.38 23.09
N LYS A 268 46.67 8.63 23.95
CA LYS A 268 47.82 7.75 23.56
C LYS A 268 47.34 6.31 23.67
N PRO A 269 47.95 5.33 22.97
CA PRO A 269 47.68 3.93 23.26
C PRO A 269 48.16 3.54 24.66
N LEU A 270 47.42 2.64 25.33
CA LEU A 270 47.80 2.07 26.64
C LEU A 270 48.76 0.91 26.37
N THR A 271 49.56 0.55 27.36
CA THR A 271 50.60 -0.51 27.32
C THR A 271 50.62 -1.26 28.67
N LEU A 272 50.53 -2.60 28.69
CA LEU A 272 50.53 -3.42 29.93
C LEU A 272 51.70 -4.39 29.90
N ARG A 273 52.11 -4.91 31.06
CA ARG A 273 53.22 -5.89 31.21
C ARG A 273 52.95 -6.74 32.45
N TRP A 274 52.88 -8.07 32.38
CA TRP A 274 52.60 -8.95 33.55
C TRP A 274 53.45 -8.55 34.77
N GLU A 275 52.75 -8.41 35.92
CA GLU A 275 53.23 -7.97 37.25
C GLU A 275 52.85 -9.00 38.31
N PRO A 276 53.78 -9.90 38.76
CA PRO A 276 53.44 -10.95 39.73
C PRO A 276 52.87 -10.39 41.04
N ILE B 2 22.98 -24.71 4.47
CA ILE B 2 24.13 -24.69 5.43
C ILE B 2 23.63 -24.19 6.81
N GLN B 3 24.18 -24.75 7.88
CA GLN B 3 23.87 -24.38 9.29
C GLN B 3 25.18 -24.07 10.02
N ARG B 4 25.28 -22.87 10.57
CA ARG B 4 26.43 -22.40 11.37
C ARG B 4 26.12 -22.76 12.83
N THR B 5 27.10 -23.23 13.62
CA THR B 5 26.90 -23.66 15.03
C THR B 5 27.26 -22.51 15.98
N PRO B 6 26.59 -22.38 17.15
CA PRO B 6 26.81 -21.22 18.03
C PRO B 6 28.18 -21.22 18.71
N LYS B 7 28.85 -20.07 18.69
CA LYS B 7 29.96 -19.71 19.61
C LYS B 7 29.33 -19.31 20.94
N ILE B 8 29.94 -19.69 22.05
CA ILE B 8 29.41 -19.43 23.43
C ILE B 8 30.53 -18.87 24.30
N GLN B 9 30.32 -17.71 24.90
CA GLN B 9 31.21 -17.13 25.95
C GLN B 9 30.35 -16.94 27.20
N VAL B 10 30.96 -17.15 28.38
CA VAL B 10 30.28 -16.99 29.70
C VAL B 10 31.19 -16.20 30.61
N TYR B 11 30.63 -15.13 31.17
CA TYR B 11 31.37 -14.03 31.83
C TYR B 11 30.42 -13.17 32.69
N SER B 12 30.98 -12.25 33.47
CA SER B 12 30.19 -11.27 34.26
C SER B 12 30.35 -9.84 33.68
N ARG B 13 29.30 -9.04 33.89
CA ARG B 13 29.20 -7.62 33.50
C ARG B 13 30.30 -6.84 34.22
N HIS B 14 30.62 -7.20 35.46
CA HIS B 14 31.63 -6.51 36.32
C HIS B 14 32.66 -7.56 36.78
N PRO B 15 33.94 -7.17 36.98
CA PRO B 15 34.92 -8.11 37.50
C PRO B 15 34.26 -8.74 38.73
N ALA B 16 34.27 -10.08 38.83
CA ALA B 16 33.54 -10.86 39.85
C ALA B 16 34.30 -10.92 41.18
N GLU B 17 33.69 -10.37 42.25
CA GLU B 17 34.11 -10.51 43.67
C GLU B 17 33.00 -11.24 44.44
N ASN B 18 33.36 -12.07 45.41
CA ASN B 18 32.37 -12.90 46.14
C ASN B 18 31.45 -11.99 46.96
N GLY B 19 30.19 -12.42 47.15
CA GLY B 19 29.13 -11.74 47.91
C GLY B 19 28.79 -10.36 47.37
N LYS B 20 28.74 -10.18 46.04
CA LYS B 20 28.67 -8.83 45.43
C LYS B 20 27.71 -8.84 44.24
N SER B 21 26.70 -7.95 44.33
CA SER B 21 25.65 -7.67 43.33
C SER B 21 26.27 -7.62 41.94
N ASN B 22 25.73 -8.36 40.97
CA ASN B 22 26.32 -8.41 39.61
C ASN B 22 25.37 -9.08 38.62
N PHE B 23 25.86 -9.36 37.41
CA PHE B 23 25.01 -9.95 36.36
C PHE B 23 25.79 -11.03 35.61
N LEU B 24 25.24 -12.24 35.54
CA LEU B 24 25.91 -13.32 34.77
C LEU B 24 25.46 -13.19 33.31
N ASN B 25 26.39 -13.36 32.37
CA ASN B 25 26.09 -13.18 30.92
C ASN B 25 26.53 -14.44 30.16
N CYS B 26 25.69 -14.87 29.20
CA CYS B 26 25.98 -15.91 28.17
C CYS B 26 25.71 -15.35 26.77
N TYR B 27 26.78 -15.07 26.01
CA TYR B 27 26.76 -14.61 24.60
C TYR B 27 26.84 -15.83 23.68
N VAL B 28 25.78 -16.09 22.91
CA VAL B 28 25.76 -17.09 21.82
C VAL B 28 25.70 -16.32 20.49
N SER B 29 26.63 -16.59 19.59
CA SER B 29 26.72 -15.85 18.31
C SER B 29 27.24 -16.77 17.21
N GLY B 30 27.05 -16.37 15.95
CA GLY B 30 27.66 -17.03 14.78
C GLY B 30 26.88 -18.27 14.37
N PHE B 31 25.60 -18.32 14.75
CA PHE B 31 24.68 -19.47 14.58
C PHE B 31 23.53 -19.17 13.62
N HIS B 32 23.01 -20.21 12.96
CA HIS B 32 21.88 -20.12 12.01
C HIS B 32 21.24 -21.48 11.80
N PRO B 33 19.90 -21.62 11.95
CA PRO B 33 18.98 -20.49 12.12
C PRO B 33 18.79 -19.99 13.56
N SER B 34 17.85 -19.04 13.74
CA SER B 34 17.63 -18.18 14.94
C SER B 34 16.98 -18.95 16.09
N ASP B 35 16.25 -20.04 15.80
CA ASP B 35 15.60 -20.90 16.83
C ASP B 35 16.72 -21.56 17.63
N ILE B 36 17.03 -20.95 18.78
CA ILE B 36 18.04 -21.43 19.76
C ILE B 36 17.35 -21.53 21.13
N GLU B 37 17.86 -22.40 22.00
CA GLU B 37 17.35 -22.65 23.38
C GLU B 37 18.53 -22.52 24.34
N VAL B 38 18.45 -21.60 25.31
CA VAL B 38 19.61 -21.11 26.13
C VAL B 38 19.15 -20.93 27.58
N ASP B 39 19.57 -21.82 28.49
CA ASP B 39 19.39 -21.70 29.97
C ASP B 39 20.74 -21.34 30.64
N LEU B 40 20.69 -20.52 31.70
CA LEU B 40 21.77 -20.36 32.70
C LEU B 40 21.55 -21.38 33.83
N LEU B 41 22.63 -21.96 34.34
CA LEU B 41 22.63 -23.05 35.36
C LEU B 41 23.36 -22.63 36.64
N LYS B 42 22.88 -23.12 37.78
CA LYS B 42 23.48 -22.94 39.13
C LYS B 42 23.71 -24.34 39.73
N ASN B 43 24.97 -24.77 39.76
CA ASN B 43 25.39 -26.13 40.21
C ASN B 43 24.64 -27.18 39.39
N GLY B 44 24.34 -26.84 38.13
CA GLY B 44 23.70 -27.73 37.14
C GLY B 44 22.18 -27.60 37.13
N GLU B 45 21.61 -26.71 37.95
CA GLU B 45 20.13 -26.48 38.01
C GLU B 45 19.77 -25.16 37.30
N ARG B 46 18.74 -25.19 36.44
CA ARG B 46 18.27 -24.03 35.63
C ARG B 46 17.95 -22.85 36.56
N ILE B 47 18.40 -21.64 36.20
CA ILE B 47 17.95 -20.36 36.83
C ILE B 47 16.71 -19.90 36.06
N GLU B 48 15.69 -19.40 36.74
CA GLU B 48 14.33 -19.15 36.18
C GLU B 48 14.15 -17.69 35.73
N LYS B 49 15.01 -16.79 36.24
CA LYS B 49 14.83 -15.33 36.00
C LYS B 49 15.80 -14.85 34.92
N VAL B 50 15.83 -15.52 33.79
CA VAL B 50 16.79 -15.21 32.69
C VAL B 50 16.08 -14.37 31.61
N GLU B 51 16.61 -13.20 31.26
CA GLU B 51 16.14 -12.33 30.15
C GLU B 51 17.10 -12.46 28.96
N HIS B 52 16.80 -11.80 27.83
CA HIS B 52 17.71 -11.84 26.64
C HIS B 52 17.50 -10.61 25.76
N SER B 53 18.55 -10.11 25.12
CA SER B 53 18.54 -9.00 24.12
C SER B 53 17.62 -9.36 22.95
N ASP B 54 17.18 -8.35 22.21
CA ASP B 54 16.34 -8.58 21.02
C ASP B 54 17.20 -9.21 19.91
N LEU B 55 16.64 -10.14 19.14
CA LEU B 55 17.38 -10.86 18.07
C LEU B 55 17.98 -9.86 17.07
N SER B 56 19.24 -10.04 16.71
CA SER B 56 19.98 -9.25 15.67
C SER B 56 20.88 -10.23 14.91
N PHE B 57 21.63 -9.76 13.91
CA PHE B 57 22.67 -10.59 13.25
C PHE B 57 23.83 -9.71 12.81
N SER B 58 24.94 -10.38 12.48
CA SER B 58 26.23 -9.74 12.13
C SER B 58 26.33 -9.59 10.61
N LYS B 59 27.50 -9.17 10.10
CA LYS B 59 27.77 -8.91 8.65
C LYS B 59 27.46 -10.15 7.82
N ASP B 60 27.86 -11.34 8.31
CA ASP B 60 27.74 -12.65 7.61
C ASP B 60 26.37 -13.30 7.85
N TRP B 61 25.41 -12.54 8.36
CA TRP B 61 24.00 -13.00 8.53
C TRP B 61 23.86 -13.95 9.71
N SER B 62 24.93 -14.26 10.44
CA SER B 62 24.87 -15.18 11.62
C SER B 62 24.23 -14.40 12.77
N PHE B 63 23.24 -14.98 13.46
CA PHE B 63 22.47 -14.34 14.56
C PHE B 63 23.29 -14.32 15.87
N TYR B 64 23.08 -13.33 16.75
CA TYR B 64 23.73 -13.26 18.09
C TYR B 64 22.72 -12.80 19.17
N LEU B 65 22.86 -13.38 20.36
CA LEU B 65 21.95 -13.11 21.50
C LEU B 65 22.77 -13.06 22.78
N LEU B 66 22.33 -12.25 23.75
CA LEU B 66 22.91 -12.18 25.11
C LEU B 66 21.86 -12.60 26.11
N TYR B 67 22.13 -13.62 26.93
CA TYR B 67 21.27 -14.00 28.08
C TYR B 67 21.97 -13.57 29.36
N TYR B 68 21.25 -12.84 30.23
CA TYR B 68 21.74 -12.31 31.53
C TYR B 68 20.72 -12.60 32.64
N THR B 69 21.18 -12.43 33.89
CA THR B 69 20.33 -12.63 35.10
C THR B 69 21.12 -12.06 36.27
N GLU B 70 20.47 -11.38 37.21
CA GLU B 70 21.18 -10.86 38.40
C GLU B 70 21.85 -12.02 39.12
N PHE B 71 23.04 -11.81 39.66
CA PHE B 71 23.71 -12.88 40.44
C PHE B 71 24.73 -12.30 41.41
N THR B 72 25.02 -13.04 42.49
CA THR B 72 26.04 -12.62 43.47
C THR B 72 26.96 -13.81 43.68
N PRO B 73 28.19 -13.81 43.13
CA PRO B 73 29.08 -14.99 43.19
C PRO B 73 29.57 -15.30 44.62
N THR B 74 29.78 -16.59 44.95
CA THR B 74 29.82 -17.07 46.36
C THR B 74 31.12 -17.84 46.67
N GLU B 75 32.14 -17.80 45.80
CA GLU B 75 33.45 -18.52 45.99
C GLU B 75 33.20 -20.03 45.96
N LYS B 76 31.98 -20.44 45.60
CA LYS B 76 31.45 -21.76 45.98
C LYS B 76 30.61 -22.25 44.80
N ASP B 77 29.48 -21.57 44.56
CA ASP B 77 28.50 -21.86 43.48
C ASP B 77 29.24 -21.85 42.13
N GLU B 78 29.15 -22.94 41.37
CA GLU B 78 29.75 -23.12 40.02
C GLU B 78 28.68 -22.90 38.94
N TYR B 79 28.79 -21.83 38.15
CA TYR B 79 27.77 -21.40 37.15
C TYR B 79 28.20 -21.81 35.75
N ALA B 80 27.25 -22.09 34.85
CA ALA B 80 27.50 -22.41 33.42
C ALA B 80 26.37 -21.87 32.53
N CYS B 81 26.48 -22.13 31.22
CA CYS B 81 25.43 -21.86 30.19
C CYS B 81 25.22 -23.13 29.35
N ARG B 82 23.96 -23.48 29.12
CA ARG B 82 23.55 -24.70 28.40
C ARG B 82 22.82 -24.25 27.15
N VAL B 83 23.48 -24.41 26.00
CA VAL B 83 22.93 -24.01 24.66
C VAL B 83 22.46 -25.27 23.97
N ASN B 84 21.37 -25.17 23.22
CA ASN B 84 20.77 -26.27 22.43
C ASN B 84 20.31 -25.70 21.08
N HIS B 85 20.76 -26.29 19.96
CA HIS B 85 20.61 -25.75 18.59
C HIS B 85 20.77 -26.87 17.56
N VAL B 86 20.01 -26.79 16.47
CA VAL B 86 19.81 -27.95 15.54
C VAL B 86 21.18 -28.49 15.04
N THR B 87 22.26 -27.72 15.17
CA THR B 87 23.63 -28.12 14.71
C THR B 87 24.28 -29.09 15.72
N LEU B 88 23.80 -29.09 16.96
CA LEU B 88 24.42 -29.81 18.09
C LEU B 88 23.70 -31.16 18.23
N SER B 89 24.45 -32.26 18.32
CA SER B 89 23.87 -33.61 18.53
C SER B 89 23.24 -33.63 19.93
N GLN B 90 23.73 -32.79 20.85
CA GLN B 90 23.21 -32.72 22.24
C GLN B 90 23.61 -31.41 22.90
N PRO B 91 22.87 -30.96 23.94
CA PRO B 91 23.12 -29.67 24.57
C PRO B 91 24.63 -29.51 24.79
N LYS B 92 25.11 -28.29 24.60
CA LYS B 92 26.48 -27.87 24.94
C LYS B 92 26.37 -27.14 26.27
N ILE B 93 27.06 -27.65 27.28
CA ILE B 93 27.35 -26.94 28.56
C ILE B 93 28.74 -26.34 28.40
N VAL B 94 28.93 -25.07 28.81
CA VAL B 94 30.25 -24.40 28.96
C VAL B 94 30.29 -23.72 30.32
N LYS B 95 31.25 -24.10 31.17
CA LYS B 95 31.34 -23.66 32.58
C LYS B 95 31.92 -22.25 32.60
N TRP B 96 31.36 -21.35 33.42
CA TRP B 96 31.89 -19.98 33.70
C TRP B 96 33.27 -20.06 34.33
N ASP B 97 34.18 -19.16 33.96
CA ASP B 97 35.60 -19.24 34.37
C ASP B 97 36.17 -17.85 34.62
N ARG B 98 35.88 -17.24 35.76
CA ARG B 98 36.28 -15.83 36.02
C ARG B 98 37.80 -15.67 35.91
N ASP B 99 38.58 -16.58 36.51
CA ASP B 99 40.07 -16.50 36.61
C ASP B 99 40.72 -16.30 35.24
N MET B 100 40.03 -16.68 34.15
CA MET B 100 40.35 -16.27 32.75
C MET B 100 40.88 -14.83 32.75
N VAL C 1 14.57 6.43 12.01
CA VAL C 1 13.22 5.94 11.49
C VAL C 1 13.49 4.84 10.47
N VAL C 2 12.49 3.99 10.21
CA VAL C 2 12.56 2.88 9.21
C VAL C 2 12.17 3.40 7.82
N VAL C 3 12.67 2.72 6.77
CA VAL C 3 12.21 2.83 5.35
C VAL C 3 10.70 2.65 5.32
N GLY C 4 10.06 3.19 4.30
CA GLY C 4 8.70 2.79 3.96
C GLY C 4 8.72 1.33 3.57
N ALA C 5 7.62 0.61 3.71
CA ALA C 5 7.68 -0.80 3.25
C ALA C 5 7.91 -0.83 1.73
N ASP C 6 8.70 -1.80 1.30
CA ASP C 6 8.88 -2.22 -0.12
C ASP C 6 7.56 -2.15 -0.88
N GLY C 7 7.47 -1.29 -1.91
CA GLY C 7 6.26 -1.10 -2.73
C GLY C 7 5.91 -2.32 -3.57
N VAL C 8 6.93 -3.14 -3.85
CA VAL C 8 6.83 -4.48 -4.52
C VAL C 8 7.85 -5.41 -3.86
N GLY C 9 7.36 -6.58 -3.45
CA GLY C 9 8.10 -7.66 -2.79
C GLY C 9 8.98 -8.42 -3.75
N LYS C 10 9.60 -9.50 -3.28
CA LYS C 10 10.54 -10.36 -4.06
C LYS C 10 9.72 -11.23 -5.00
N ALA D 1 -4.93 12.80 10.55
CA ALA D 1 -5.21 13.73 9.42
C ALA D 1 -4.97 13.00 8.09
N GLN D 2 -6.02 12.37 7.54
CA GLN D 2 -6.03 11.77 6.17
C GLN D 2 -7.05 12.52 5.30
N LYS D 3 -6.60 13.24 4.30
CA LYS D 3 -7.50 14.10 3.49
C LYS D 3 -6.94 14.25 2.08
N VAL D 4 -7.83 14.16 1.10
CA VAL D 4 -7.59 14.55 -0.31
C VAL D 4 -8.73 15.50 -0.68
N THR D 5 -8.42 16.54 -1.43
CA THR D 5 -9.28 17.72 -1.63
C THR D 5 -9.14 18.15 -3.09
N GLN D 6 -10.26 18.11 -3.81
CA GLN D 6 -10.38 18.54 -5.22
C GLN D 6 -11.30 19.75 -5.26
N ALA D 7 -10.80 20.96 -4.96
CA ALA D 7 -11.64 22.14 -4.63
C ALA D 7 -12.50 22.46 -5.86
N GLN D 8 -12.03 22.05 -7.04
CA GLN D 8 -12.79 22.08 -8.32
C GLN D 8 -13.89 21.02 -8.32
N THR D 9 -15.15 21.43 -8.42
CA THR D 9 -16.32 20.52 -8.59
C THR D 9 -16.62 20.36 -10.09
N GLU D 10 -16.92 21.48 -10.77
CA GLU D 10 -17.26 21.57 -12.22
C GLU D 10 -16.21 22.47 -12.93
N ILE D 11 -15.68 22.03 -14.08
CA ILE D 11 -14.72 22.78 -14.96
C ILE D 11 -14.84 22.26 -16.40
N SER D 12 -15.04 23.18 -17.36
CA SER D 12 -15.18 22.85 -18.81
C SER D 12 -14.09 23.54 -19.65
N VAL D 13 -13.58 22.87 -20.69
CA VAL D 13 -12.69 23.44 -21.76
C VAL D 13 -13.17 23.01 -23.15
N VAL D 14 -12.82 23.80 -24.18
CA VAL D 14 -13.06 23.52 -25.65
C VAL D 14 -12.05 22.48 -26.12
N GLU D 15 -12.36 21.65 -27.12
CA GLU D 15 -11.46 20.54 -27.55
C GLU D 15 -10.17 21.13 -28.14
N LYS D 16 -9.13 20.28 -28.26
CA LYS D 16 -7.78 20.65 -28.76
C LYS D 16 -7.21 21.77 -27.87
N GLU D 17 -7.16 21.51 -26.55
CA GLU D 17 -6.71 22.46 -25.49
C GLU D 17 -6.10 21.67 -24.33
N ASP D 18 -5.19 22.33 -23.63
CA ASP D 18 -4.65 21.91 -22.31
C ASP D 18 -5.74 22.13 -21.26
N VAL D 19 -5.83 21.23 -20.27
CA VAL D 19 -6.55 21.53 -19.00
C VAL D 19 -5.85 20.78 -17.85
N THR D 20 -5.79 21.46 -16.69
CA THR D 20 -5.16 20.96 -15.45
C THR D 20 -6.26 20.88 -14.39
N LEU D 21 -6.40 19.68 -13.78
CA LEU D 21 -7.30 19.37 -12.64
C LEU D 21 -6.45 19.30 -11.37
N ASP D 22 -6.78 20.15 -10.39
CA ASP D 22 -5.97 20.36 -9.17
C ASP D 22 -6.37 19.28 -8.18
N CYS D 23 -5.41 18.86 -7.35
CA CYS D 23 -5.60 17.91 -6.23
C CYS D 23 -4.61 18.19 -5.11
N VAL D 24 -5.12 18.33 -3.88
CA VAL D 24 -4.32 18.68 -2.66
C VAL D 24 -4.52 17.59 -1.62
N TYR D 25 -3.41 16.94 -1.25
CA TYR D 25 -3.46 15.86 -0.24
C TYR D 25 -2.87 16.41 1.06
N GLU D 26 -3.24 15.80 2.17
CA GLU D 26 -2.75 16.26 3.49
C GLU D 26 -2.50 15.01 4.32
N THR D 27 -1.26 14.74 4.73
CA THR D 27 -0.93 13.58 5.59
C THR D 27 0.35 13.87 6.37
N ARG D 28 0.52 13.24 7.52
CA ARG D 28 1.79 13.31 8.27
C ARG D 28 2.63 12.06 7.93
N ASP D 29 2.00 10.98 7.44
CA ASP D 29 2.69 9.76 6.93
C ASP D 29 3.63 10.20 5.80
N THR D 30 4.81 9.59 5.72
CA THR D 30 5.89 9.95 4.74
C THR D 30 6.04 8.93 3.61
N ALA D 31 5.48 7.72 3.75
CA ALA D 31 5.49 6.63 2.74
C ALA D 31 4.07 6.45 2.16
N TYR D 32 3.64 7.45 1.40
CA TYR D 32 2.29 7.44 0.80
C TYR D 32 2.36 7.36 -0.72
N TYR D 33 1.33 6.81 -1.33
CA TYR D 33 1.19 6.71 -2.81
C TYR D 33 0.00 7.58 -3.20
N LEU D 34 0.18 8.35 -4.26
CA LEU D 34 -0.93 9.12 -4.88
C LEU D 34 -1.37 8.46 -6.18
N PHE D 35 -2.68 8.46 -6.42
CA PHE D 35 -3.34 7.89 -7.62
C PHE D 35 -4.27 8.92 -8.25
N TRP D 36 -4.49 8.77 -9.57
CA TRP D 36 -5.67 9.33 -10.29
C TRP D 36 -6.46 8.20 -10.98
N TYR D 37 -7.79 8.34 -10.99
CA TYR D 37 -8.76 7.44 -11.65
C TYR D 37 -9.63 8.28 -12.58
N LYS D 38 -10.02 7.71 -13.72
CA LYS D 38 -11.03 8.32 -14.65
C LYS D 38 -12.33 7.57 -14.43
N GLN D 39 -13.45 8.29 -14.30
CA GLN D 39 -14.83 7.72 -14.38
C GLN D 39 -15.60 8.31 -15.56
N PRO D 40 -15.67 7.58 -16.69
CA PRO D 40 -16.45 8.05 -17.83
C PRO D 40 -17.94 8.03 -17.48
N PRO D 41 -18.81 8.71 -18.24
CA PRO D 41 -20.24 8.65 -17.97
C PRO D 41 -20.62 7.16 -17.85
N SER D 42 -19.90 6.30 -18.56
CA SER D 42 -20.14 4.84 -18.46
C SER D 42 -20.23 4.46 -16.98
N GLY D 43 -19.45 5.10 -16.12
CA GLY D 43 -19.55 4.85 -14.67
C GLY D 43 -18.37 4.08 -14.12
N GLU D 44 -17.73 3.25 -14.94
CA GLU D 44 -16.63 2.41 -14.43
C GLU D 44 -15.52 3.31 -13.89
N LEU D 45 -14.64 2.75 -13.05
CA LEU D 45 -13.53 3.53 -12.47
C LEU D 45 -12.20 2.92 -12.95
N VAL D 46 -11.42 3.68 -13.70
CA VAL D 46 -10.19 3.21 -14.41
C VAL D 46 -8.97 3.90 -13.80
N PHE D 47 -8.00 3.06 -13.39
CA PHE D 47 -6.62 3.46 -12.99
C PHE D 47 -5.96 4.18 -14.16
N LEU D 48 -5.40 5.37 -13.91
CA LEU D 48 -4.58 6.17 -14.87
C LEU D 48 -3.11 6.12 -14.50
N ILE D 49 -2.79 6.41 -13.24
CA ILE D 49 -1.37 6.54 -12.78
C ILE D 49 -1.26 6.48 -11.26
N ARG D 50 -0.05 6.17 -10.83
CA ARG D 50 0.37 6.16 -9.41
C ARG D 50 1.65 7.00 -9.26
N GLN D 51 1.67 7.91 -8.28
CA GLN D 51 2.91 8.59 -7.81
C GLN D 51 3.37 8.00 -6.49
N PRO D 52 4.59 7.44 -6.38
CA PRO D 52 5.20 7.19 -5.09
C PRO D 52 5.71 8.49 -4.45
N TRP D 53 5.76 8.52 -3.12
CA TRP D 53 6.28 9.70 -2.40
C TRP D 53 7.71 10.01 -2.86
N TRP D 54 8.53 8.98 -3.05
CA TRP D 54 9.95 9.15 -3.47
C TRP D 54 10.07 9.55 -4.94
N GLY D 55 8.99 9.44 -5.70
CA GLY D 55 9.03 9.59 -7.17
C GLY D 55 9.29 11.02 -7.61
N GLU D 56 9.60 11.18 -8.90
CA GLU D 56 10.04 12.47 -9.48
C GLU D 56 8.79 13.33 -9.70
N GLN D 57 9.01 14.60 -10.06
CA GLN D 57 8.01 15.70 -10.06
C GLN D 57 6.97 15.48 -11.18
N ASN D 58 7.41 15.46 -12.45
CA ASN D 58 6.56 15.19 -13.65
C ASN D 58 6.63 13.72 -14.05
N GLU D 59 5.48 13.08 -14.27
CA GLU D 59 5.39 11.79 -15.02
C GLU D 59 4.57 12.09 -16.28
N ILE D 60 4.99 11.49 -17.41
CA ILE D 60 4.29 11.53 -18.74
C ILE D 60 3.75 10.12 -19.05
N SER D 61 2.69 10.01 -19.84
CA SER D 61 2.04 8.76 -20.29
C SER D 61 1.01 9.09 -21.38
N GLY D 62 1.48 9.19 -22.63
CA GLY D 62 0.73 9.69 -23.79
C GLY D 62 0.43 11.18 -23.65
N ARG D 63 -0.86 11.54 -23.77
CA ARG D 63 -1.35 12.94 -23.76
C ARG D 63 -1.47 13.40 -22.32
N TYR D 64 -1.26 12.47 -21.37
CA TYR D 64 -1.41 12.70 -19.90
C TYR D 64 -0.05 13.14 -19.30
N SER D 65 -0.09 14.11 -18.38
CA SER D 65 1.06 14.63 -17.58
C SER D 65 0.59 15.11 -16.18
N TRP D 66 1.35 14.76 -15.14
CA TRP D 66 1.06 15.09 -13.73
C TRP D 66 2.17 15.96 -13.18
N ASN D 67 1.90 16.78 -12.15
CA ASN D 67 2.93 17.61 -11.47
C ASN D 67 2.88 17.41 -9.94
N PHE D 68 3.84 16.64 -9.42
CA PHE D 68 3.93 16.35 -7.97
C PHE D 68 4.79 17.40 -7.27
N GLN D 69 4.23 18.07 -6.26
CA GLN D 69 4.98 19.11 -5.52
C GLN D 69 4.75 18.93 -4.02
N LYS D 70 5.64 18.21 -3.35
CA LYS D 70 5.49 17.95 -1.91
C LYS D 70 5.31 19.27 -1.16
N SER D 71 6.17 20.24 -1.46
CA SER D 71 6.07 21.58 -0.82
C SER D 71 4.62 22.04 -0.86
N THR D 72 3.99 21.92 -2.03
CA THR D 72 2.60 22.38 -2.21
C THR D 72 1.63 21.26 -1.84
N SER D 73 2.14 20.08 -1.49
CA SER D 73 1.26 18.94 -1.20
C SER D 73 0.22 18.87 -2.31
N SER D 74 0.68 18.98 -3.55
CA SER D 74 -0.25 19.00 -4.70
C SER D 74 0.12 17.93 -5.72
N PHE D 75 -0.87 17.43 -6.46
CA PHE D 75 -0.64 16.39 -7.48
C PHE D 75 -1.56 16.67 -8.66
N ASN D 76 -1.29 17.78 -9.35
CA ASN D 76 -2.24 18.35 -10.33
C ASN D 76 -2.09 17.58 -11.67
N PHE D 77 -3.22 17.27 -12.32
CA PHE D 77 -3.35 16.42 -13.55
C PHE D 77 -3.53 17.32 -14.77
N THR D 78 -2.75 17.11 -15.84
CA THR D 78 -2.88 17.85 -17.11
C THR D 78 -3.07 16.89 -18.33
N ILE D 79 -4.03 17.27 -19.19
CA ILE D 79 -4.28 16.61 -20.51
C ILE D 79 -3.91 17.62 -21.61
N THR D 80 -3.05 17.22 -22.56
CA THR D 80 -2.75 17.97 -23.82
C THR D 80 -3.74 17.51 -24.90
N ALA D 81 -3.97 18.35 -25.93
CA ALA D 81 -4.87 18.11 -27.08
C ALA D 81 -6.14 17.37 -26.64
N SER D 82 -6.91 17.98 -25.72
CA SER D 82 -8.15 17.42 -25.10
C SER D 82 -9.15 17.04 -26.20
N GLN D 83 -9.58 15.78 -26.18
CA GLN D 83 -10.59 15.19 -27.08
C GLN D 83 -11.91 15.00 -26.32
N VAL D 84 -13.08 15.12 -26.98
CA VAL D 84 -14.42 14.97 -26.32
C VAL D 84 -14.41 13.69 -25.47
N VAL D 85 -13.72 12.64 -25.94
CA VAL D 85 -13.46 11.37 -25.20
C VAL D 85 -13.05 11.67 -23.75
N ASP D 86 -12.18 12.66 -23.54
CA ASP D 86 -11.62 12.97 -22.20
C ASP D 86 -12.82 13.13 -21.26
N SER D 87 -13.82 13.95 -21.62
CA SER D 87 -15.05 14.27 -20.84
C SER D 87 -15.45 13.13 -19.89
N ALA D 88 -15.45 13.40 -18.58
CA ALA D 88 -15.52 12.38 -17.51
C ALA D 88 -15.53 13.04 -16.12
N VAL D 89 -15.55 12.23 -15.06
CA VAL D 89 -15.25 12.66 -13.65
C VAL D 89 -13.92 12.04 -13.22
N TYR D 90 -13.08 12.85 -12.59
CA TYR D 90 -11.65 12.53 -12.32
C TYR D 90 -11.43 12.58 -10.81
N PHE D 91 -10.98 11.46 -10.27
CA PHE D 91 -10.79 11.27 -8.83
C PHE D 91 -9.31 11.16 -8.55
N CYS D 92 -8.89 11.95 -7.57
CA CYS D 92 -7.55 11.97 -6.99
C CYS D 92 -7.59 11.09 -5.75
N ALA D 93 -6.53 10.35 -5.45
CA ALA D 93 -6.51 9.56 -4.20
C ALA D 93 -5.08 9.32 -3.67
N MET D 94 -5.03 8.87 -2.41
CA MET D 94 -3.79 8.69 -1.62
C MET D 94 -3.96 7.42 -0.81
N SER D 95 -2.93 6.55 -0.76
CA SER D 95 -2.93 5.34 0.11
C SER D 95 -1.77 5.47 1.08
N VAL D 96 -2.01 5.07 2.34
CA VAL D 96 -1.05 5.08 3.50
C VAL D 96 -1.24 3.80 4.29
N PRO D 97 -0.19 3.30 4.96
CA PRO D 97 -0.28 2.08 5.77
C PRO D 97 -1.26 2.29 6.92
N SER D 98 -2.30 1.48 7.01
CA SER D 98 -3.22 1.51 8.17
C SER D 98 -2.58 0.69 9.29
N GLY D 99 -3.25 0.57 10.44
CA GLY D 99 -2.75 -0.06 11.68
C GLY D 99 -2.24 -1.49 11.55
N ASP D 100 -2.80 -2.30 10.63
CA ASP D 100 -2.44 -3.73 10.48
C ASP D 100 -1.30 -3.85 9.47
N GLY D 101 -0.88 -2.72 8.91
CA GLY D 101 0.22 -2.64 7.93
C GLY D 101 -0.31 -2.61 6.49
N SER D 102 -1.60 -2.82 6.27
CA SER D 102 -2.18 -2.85 4.92
C SER D 102 -2.36 -1.41 4.47
N TYR D 103 -1.96 -1.11 3.22
CA TYR D 103 -2.22 0.18 2.56
C TYR D 103 -3.71 0.38 2.27
N GLN D 104 -4.25 1.56 2.60
CA GLN D 104 -5.69 1.88 2.46
C GLN D 104 -5.91 3.32 1.96
N PHE D 105 -7.05 3.51 1.31
CA PHE D 105 -7.21 4.62 0.35
C PHE D 105 -8.03 5.73 0.99
N THR D 106 -7.69 6.97 0.66
CA THR D 106 -8.55 8.17 0.83
C THR D 106 -8.80 8.74 -0.58
N PHE D 107 -10.06 8.86 -1.01
CA PHE D 107 -10.39 9.48 -2.31
C PHE D 107 -10.84 10.93 -2.14
N GLY D 108 -10.38 11.83 -3.01
CA GLY D 108 -11.07 13.10 -3.25
C GLY D 108 -12.53 12.90 -3.67
N LYS D 109 -13.30 13.99 -3.68
CA LYS D 109 -14.73 14.02 -4.04
C LYS D 109 -14.90 13.94 -5.56
N GLY D 110 -13.85 14.25 -6.32
CA GLY D 110 -13.83 14.18 -7.79
C GLY D 110 -14.12 15.53 -8.44
N THR D 111 -13.80 15.65 -9.73
CA THR D 111 -13.96 16.87 -10.57
C THR D 111 -14.51 16.48 -11.95
N LYS D 112 -15.71 17.02 -12.28
CA LYS D 112 -16.47 16.78 -13.54
C LYS D 112 -15.85 17.60 -14.68
N LEU D 113 -15.23 16.89 -15.62
CA LEU D 113 -14.66 17.45 -16.86
C LEU D 113 -15.63 17.25 -18.01
N SER D 114 -16.03 18.39 -18.61
CA SER D 114 -16.70 18.51 -19.93
C SER D 114 -15.71 19.09 -20.98
N VAL D 115 -15.34 18.25 -21.97
CA VAL D 115 -14.59 18.63 -23.21
C VAL D 115 -15.64 18.84 -24.32
N ILE D 116 -15.92 20.12 -24.63
CA ILE D 116 -17.01 20.58 -25.55
C ILE D 116 -16.40 20.89 -26.93
N PRO D 117 -16.98 20.38 -28.05
CA PRO D 117 -16.33 20.42 -29.36
C PRO D 117 -16.21 21.83 -29.93
N ASN D 118 -15.32 22.01 -30.89
CA ASN D 118 -15.12 23.28 -31.60
C ASN D 118 -15.98 23.28 -32.87
N ILE D 119 -17.09 24.03 -32.83
CA ILE D 119 -17.98 24.17 -34.02
C ILE D 119 -17.38 25.24 -34.92
N GLN D 120 -16.92 24.84 -36.10
CA GLN D 120 -16.26 25.76 -37.06
C GLN D 120 -17.34 26.58 -37.76
N ASN D 121 -18.44 25.95 -38.18
CA ASN D 121 -19.56 26.63 -38.90
C ASN D 121 -20.86 26.51 -38.11
N PRO D 122 -20.96 27.15 -36.93
CA PRO D 122 -22.20 27.13 -36.17
C PRO D 122 -23.37 27.49 -37.08
N ASP D 123 -24.34 26.58 -37.23
CA ASP D 123 -25.55 26.90 -38.03
C ASP D 123 -26.76 26.72 -37.11
N PRO D 124 -26.88 27.49 -36.01
CA PRO D 124 -27.96 27.29 -35.07
C PRO D 124 -29.31 27.20 -35.80
N ALA D 125 -30.22 26.39 -35.28
CA ALA D 125 -31.53 26.15 -35.92
C ALA D 125 -32.45 25.49 -34.90
N VAL D 126 -33.76 25.60 -35.09
CA VAL D 126 -34.74 24.88 -34.23
C VAL D 126 -35.71 24.16 -35.16
N TYR D 127 -36.09 22.93 -34.81
CA TYR D 127 -36.98 22.07 -35.63
C TYR D 127 -38.10 21.49 -34.76
N GLN D 128 -39.23 21.20 -35.41
CA GLN D 128 -40.42 20.48 -34.90
C GLN D 128 -40.33 19.07 -35.47
N LEU D 129 -40.30 18.04 -34.61
CA LEU D 129 -40.36 16.62 -35.04
C LEU D 129 -41.73 16.06 -34.67
N ARG D 130 -42.36 15.32 -35.60
CA ARG D 130 -43.69 14.64 -35.41
C ARG D 130 -43.47 13.25 -34.78
N ASP D 131 -44.31 12.86 -33.82
CA ASP D 131 -44.22 11.47 -33.31
C ASP D 131 -44.66 10.57 -34.46
N SER D 132 -44.01 9.43 -34.66
CA SER D 132 -44.33 8.56 -35.82
C SER D 132 -45.70 7.91 -35.62
N LYS D 133 -46.11 7.67 -34.38
CA LYS D 133 -47.39 6.95 -34.11
C LYS D 133 -48.53 7.95 -34.13
N SER D 134 -48.50 8.92 -35.05
CA SER D 134 -49.60 9.90 -35.19
C SER D 134 -50.28 10.21 -33.86
N SER D 135 -49.49 10.46 -32.81
CA SER D 135 -50.09 10.65 -31.47
C SER D 135 -50.13 12.18 -31.36
N ASP D 136 -49.88 12.87 -32.47
CA ASP D 136 -49.95 14.35 -32.48
C ASP D 136 -48.98 14.91 -31.42
N LYS D 137 -48.21 14.04 -30.76
CA LYS D 137 -47.20 14.54 -29.81
C LYS D 137 -46.00 15.01 -30.62
N SER D 138 -45.18 15.90 -30.03
CA SER D 138 -44.01 16.43 -30.78
C SER D 138 -42.90 16.93 -29.84
N VAL D 139 -41.68 16.99 -30.37
CA VAL D 139 -40.47 17.52 -29.66
C VAL D 139 -39.80 18.57 -30.55
N CYS D 140 -39.07 19.48 -29.90
CA CYS D 140 -38.26 20.53 -30.55
C CYS D 140 -36.77 20.15 -30.40
N LEU D 141 -36.05 20.18 -31.52
CA LEU D 141 -34.60 19.87 -31.65
C LEU D 141 -33.79 21.14 -31.98
N PHE D 142 -33.05 21.68 -30.98
CA PHE D 142 -32.03 22.76 -31.11
C PHE D 142 -30.68 22.08 -31.35
N THR D 143 -30.15 22.23 -32.55
CA THR D 143 -28.89 21.51 -32.91
C THR D 143 -27.93 22.45 -33.61
N ASP D 144 -26.77 21.92 -34.04
CA ASP D 144 -25.77 22.72 -34.78
C ASP D 144 -25.50 24.03 -34.06
N PHE D 145 -25.77 24.08 -32.75
CA PHE D 145 -25.61 25.36 -32.02
C PHE D 145 -24.16 25.51 -31.55
N ASP D 146 -23.83 26.68 -31.00
CA ASP D 146 -22.43 26.96 -30.60
C ASP D 146 -22.09 26.20 -29.32
N SER D 147 -20.86 25.70 -29.23
CA SER D 147 -20.41 24.97 -28.00
C SER D 147 -20.40 25.90 -26.78
N GLN D 148 -20.22 27.23 -26.99
CA GLN D 148 -20.41 28.33 -25.99
C GLN D 148 -21.84 28.27 -25.42
N THR D 149 -22.85 28.66 -26.22
CA THR D 149 -24.30 28.56 -25.90
C THR D 149 -24.52 27.35 -24.98
N ASN D 150 -25.26 27.51 -23.87
CA ASN D 150 -25.61 26.38 -22.96
C ASN D 150 -26.69 26.80 -21.97
N VAL D 151 -27.94 26.91 -22.43
CA VAL D 151 -29.12 27.36 -21.63
C VAL D 151 -29.92 26.11 -21.25
N SER D 152 -31.05 26.26 -20.55
CA SER D 152 -32.00 25.16 -20.19
C SER D 152 -33.36 25.75 -19.76
N SER D 157 -41.21 26.27 -17.85
CA SER D 157 -42.09 25.75 -16.77
C SER D 157 -43.13 24.76 -17.34
N ASP D 158 -42.99 23.48 -16.96
CA ASP D 158 -43.75 22.28 -17.43
C ASP D 158 -43.14 21.82 -18.78
N VAL D 159 -41.96 22.36 -19.10
CA VAL D 159 -41.23 22.15 -20.38
C VAL D 159 -39.85 21.58 -20.03
N TYR D 160 -39.69 20.27 -20.24
CA TYR D 160 -38.47 19.50 -19.95
C TYR D 160 -37.51 19.77 -21.10
N ILE D 161 -36.25 20.02 -20.74
CA ILE D 161 -35.17 20.47 -21.65
C ILE D 161 -33.90 19.74 -21.20
N THR D 162 -33.28 18.97 -22.10
CA THR D 162 -32.26 17.94 -21.71
C THR D 162 -30.95 18.68 -21.44
N ASP D 163 -29.86 17.94 -21.41
CA ASP D 163 -28.48 18.48 -21.47
C ASP D 163 -28.15 18.74 -22.96
N LYS D 164 -26.96 19.28 -23.23
CA LYS D 164 -26.36 19.17 -24.58
C LYS D 164 -25.91 17.70 -24.75
N CYS D 165 -25.96 17.21 -25.99
CA CYS D 165 -25.46 15.88 -26.42
C CYS D 165 -24.63 16.05 -27.70
N VAL D 166 -23.33 15.75 -27.60
CA VAL D 166 -22.28 15.90 -28.66
C VAL D 166 -22.21 14.60 -29.48
N LEU D 167 -22.49 14.67 -30.80
CA LEU D 167 -22.65 13.49 -31.72
C LEU D 167 -21.28 12.99 -32.22
N LYS D 175 -19.46 16.03 -36.40
CA LYS D 175 -19.60 16.44 -34.97
C LYS D 175 -20.61 17.57 -34.90
N SER D 176 -21.53 17.52 -33.91
CA SER D 176 -22.61 18.53 -33.81
C SER D 176 -23.19 18.54 -32.40
N ASN D 177 -23.68 19.70 -31.96
CA ASN D 177 -24.34 19.81 -30.64
C ASN D 177 -25.82 19.49 -30.85
N SER D 178 -26.56 19.26 -29.76
CA SER D 178 -27.98 18.83 -29.91
C SER D 178 -28.66 18.77 -28.53
N ALA D 179 -29.61 19.66 -28.28
CA ALA D 179 -30.47 19.60 -27.10
C ALA D 179 -31.87 19.34 -27.60
N VAL D 180 -32.70 18.67 -26.79
CA VAL D 180 -34.12 18.35 -27.12
C VAL D 180 -34.99 18.98 -26.03
N ALA D 181 -36.17 19.48 -26.41
CA ALA D 181 -37.19 20.01 -25.48
C ALA D 181 -38.57 19.51 -25.89
N TRP D 182 -39.40 19.16 -24.89
CA TRP D 182 -40.82 18.76 -25.09
C TRP D 182 -41.65 19.23 -23.90
N SER D 183 -42.97 19.29 -24.08
CA SER D 183 -44.01 19.52 -23.03
C SER D 183 -45.34 19.01 -23.57
N ASN D 184 -46.48 19.44 -22.99
CA ASN D 184 -47.80 18.74 -23.06
C ASN D 184 -48.92 19.65 -23.59
N LYS D 185 -48.72 20.98 -23.73
CA LYS D 185 -49.67 21.91 -24.43
C LYS D 185 -48.95 22.58 -25.62
N ALA D 189 -44.58 25.61 -28.60
CA ALA D 189 -43.83 26.81 -28.18
C ALA D 189 -42.33 26.62 -28.47
N CYS D 190 -42.01 25.80 -29.46
CA CYS D 190 -40.59 25.50 -29.76
C CYS D 190 -39.73 26.75 -29.60
N ALA D 191 -40.13 27.86 -30.21
CA ALA D 191 -39.29 29.08 -30.21
C ALA D 191 -38.85 29.64 -28.86
N ASN D 192 -39.77 30.14 -28.03
CA ASN D 192 -39.40 30.81 -26.76
C ASN D 192 -38.51 29.87 -25.95
N ALA D 193 -38.68 28.56 -26.11
CA ALA D 193 -37.90 27.58 -25.33
C ALA D 193 -36.39 27.80 -25.53
N PHE D 194 -35.58 27.37 -24.57
CA PHE D 194 -34.09 27.45 -24.67
C PHE D 194 -33.57 28.85 -24.25
N ASN D 195 -34.47 29.75 -23.85
CA ASN D 195 -34.04 31.13 -23.53
C ASN D 195 -34.35 31.43 -22.08
N MET E 1 -6.22 -14.14 -20.03
CA MET E 1 -6.57 -12.81 -19.42
C MET E 1 -7.44 -13.04 -18.18
N ASN E 2 -7.88 -11.96 -17.55
CA ASN E 2 -8.65 -11.98 -16.28
C ASN E 2 -9.87 -11.07 -16.40
N ALA E 3 -10.97 -11.45 -15.77
CA ALA E 3 -12.21 -10.65 -15.75
C ALA E 3 -11.97 -9.35 -14.98
N GLY E 4 -11.13 -9.43 -13.93
CA GLY E 4 -11.01 -8.42 -12.87
C GLY E 4 -12.02 -8.63 -11.75
N VAL E 5 -12.77 -7.57 -11.44
CA VAL E 5 -13.72 -7.47 -10.30
C VAL E 5 -15.11 -7.54 -10.91
N THR E 6 -15.75 -8.68 -10.76
CA THR E 6 -17.07 -9.00 -11.36
C THR E 6 -18.12 -8.88 -10.25
N GLN E 7 -19.20 -8.12 -10.46
CA GLN E 7 -20.26 -7.95 -9.42
C GLN E 7 -21.63 -7.92 -10.08
N THR E 8 -22.60 -8.48 -9.37
CA THR E 8 -24.02 -8.60 -9.77
C THR E 8 -24.87 -8.30 -8.56
N PRO E 9 -26.14 -7.89 -8.72
CA PRO E 9 -26.69 -7.49 -10.01
C PRO E 9 -26.14 -6.15 -10.48
N LYS E 10 -26.46 -5.75 -11.72
CA LYS E 10 -26.14 -4.41 -12.27
C LYS E 10 -27.21 -3.45 -11.76
N PHE E 11 -28.40 -4.00 -11.50
CA PHE E 11 -29.59 -3.20 -11.15
C PHE E 11 -30.49 -3.96 -10.18
N ARG E 12 -31.06 -3.20 -9.25
CA ARG E 12 -31.99 -3.78 -8.25
C ARG E 12 -32.86 -2.68 -7.70
N VAL E 13 -34.08 -3.04 -7.39
CA VAL E 13 -35.05 -2.12 -6.78
C VAL E 13 -35.68 -2.95 -5.67
N LEU E 14 -35.74 -2.44 -4.45
CA LEU E 14 -36.32 -3.11 -3.27
C LEU E 14 -37.41 -2.22 -2.68
N LYS E 15 -38.43 -2.83 -2.06
CA LYS E 15 -39.31 -2.18 -1.04
C LYS E 15 -38.52 -2.03 0.27
N THR E 16 -38.80 -0.97 1.03
CA THR E 16 -38.22 -0.70 2.38
C THR E 16 -38.37 -1.97 3.23
N GLY E 17 -37.31 -2.41 3.90
CA GLY E 17 -37.36 -3.59 4.79
C GLY E 17 -37.32 -4.93 4.07
N GLN E 18 -37.13 -4.96 2.74
CA GLN E 18 -36.69 -6.19 2.01
C GLN E 18 -35.17 -6.35 2.22
N SER E 19 -34.57 -7.40 1.63
CA SER E 19 -33.14 -7.75 1.77
C SER E 19 -32.57 -8.20 0.41
N MET E 20 -31.26 -8.05 0.23
CA MET E 20 -30.53 -8.62 -0.93
C MET E 20 -29.06 -8.80 -0.53
N THR E 21 -28.35 -9.67 -1.24
CA THR E 21 -26.87 -9.75 -1.20
C THR E 21 -26.33 -9.34 -2.58
N LEU E 22 -25.52 -8.29 -2.61
CA LEU E 22 -24.66 -7.94 -3.76
C LEU E 22 -23.49 -8.91 -3.72
N LEU E 23 -23.22 -9.59 -4.83
CA LEU E 23 -22.12 -10.57 -4.98
C LEU E 23 -21.00 -9.89 -5.76
N CYS E 24 -19.78 -10.12 -5.32
CA CYS E 24 -18.50 -9.69 -5.95
C CYS E 24 -17.56 -10.88 -6.00
N ALA E 25 -16.85 -11.05 -7.13
CA ALA E 25 -15.83 -12.11 -7.30
C ALA E 25 -14.66 -11.53 -8.09
N GLN E 26 -13.42 -11.88 -7.72
CA GLN E 26 -12.22 -11.39 -8.41
C GLN E 26 -11.30 -12.57 -8.71
N ASP E 27 -10.89 -12.68 -9.98
CA ASP E 27 -10.14 -13.84 -10.53
C ASP E 27 -8.64 -13.54 -10.51
N MET E 28 -8.20 -12.48 -9.84
CA MET E 28 -6.82 -11.95 -9.85
C MET E 28 -6.06 -12.49 -8.63
N ASN E 29 -6.75 -13.18 -7.72
CA ASN E 29 -6.08 -13.76 -6.51
C ASN E 29 -5.62 -12.63 -5.59
N HIS E 30 -6.40 -11.55 -5.53
CA HIS E 30 -6.21 -10.40 -4.60
C HIS E 30 -6.58 -10.79 -3.16
N GLU E 31 -5.88 -10.27 -2.18
CA GLU E 31 -6.11 -10.56 -0.75
C GLU E 31 -7.10 -9.54 -0.19
N TYR E 32 -7.02 -8.27 -0.60
CA TYR E 32 -7.86 -7.20 -0.01
C TYR E 32 -9.07 -7.08 -0.92
N MET E 33 -10.27 -6.95 -0.37
CA MET E 33 -11.51 -6.62 -1.12
C MET E 33 -12.33 -5.63 -0.32
N TYR E 34 -13.15 -4.84 -1.00
CA TYR E 34 -13.80 -3.62 -0.49
C TYR E 34 -15.19 -3.55 -1.07
N TRP E 35 -16.11 -2.93 -0.36
CA TRP E 35 -17.43 -2.49 -0.87
C TRP E 35 -17.54 -1.00 -0.60
N TYR E 36 -17.65 -0.20 -1.66
CA TYR E 36 -17.90 1.26 -1.59
C TYR E 36 -19.32 1.55 -2.05
N ARG E 37 -19.76 2.76 -1.74
CA ARG E 37 -20.96 3.39 -2.32
C ARG E 37 -20.55 4.76 -2.83
N GLN E 38 -21.26 5.27 -3.82
CA GLN E 38 -20.94 6.56 -4.50
C GLN E 38 -22.22 7.37 -4.64
N ASP E 39 -22.27 8.51 -3.95
CA ASP E 39 -23.49 9.34 -3.95
C ASP E 39 -23.10 10.77 -4.28
N PRO E 40 -23.89 11.47 -5.12
CA PRO E 40 -23.59 12.84 -5.48
C PRO E 40 -23.11 13.70 -4.31
N GLY E 41 -21.93 14.31 -4.44
CA GLY E 41 -21.44 15.23 -3.41
C GLY E 41 -20.77 14.53 -2.25
N MET E 42 -20.51 13.24 -2.38
CA MET E 42 -19.91 12.48 -1.25
C MET E 42 -18.84 11.54 -1.79
N GLY E 43 -18.57 11.58 -3.09
CA GLY E 43 -17.63 10.60 -3.68
C GLY E 43 -17.81 9.23 -3.08
N LEU E 44 -16.69 8.57 -2.78
CA LEU E 44 -16.51 7.14 -2.46
C LEU E 44 -16.31 6.91 -0.93
N ARG E 45 -17.41 6.63 -0.24
CA ARG E 45 -17.39 6.20 1.18
C ARG E 45 -17.30 4.67 1.24
N LEU E 46 -16.27 4.15 1.90
CA LEU E 46 -16.06 2.69 2.12
C LEU E 46 -17.09 2.20 3.15
N ILE E 47 -17.69 1.03 2.93
CA ILE E 47 -18.74 0.47 3.82
C ILE E 47 -18.11 -0.57 4.75
N HIS E 48 -17.60 -1.66 4.19
CA HIS E 48 -16.82 -2.71 4.89
C HIS E 48 -15.62 -3.05 4.02
N TYR E 49 -14.66 -3.81 4.51
CA TYR E 49 -13.58 -4.36 3.67
C TYR E 49 -13.02 -5.62 4.29
N SER E 50 -11.97 -6.17 3.67
CA SER E 50 -11.43 -7.50 4.01
C SER E 50 -9.98 -7.61 3.55
N VAL E 51 -9.06 -7.96 4.43
CA VAL E 51 -7.61 -8.09 4.07
C VAL E 51 -7.25 -9.56 3.82
N GLY E 52 -8.20 -10.49 3.90
CA GLY E 52 -7.94 -11.92 3.60
C GLY E 52 -9.12 -12.80 3.96
N GLU E 53 -9.16 -13.98 3.33
CA GLU E 53 -10.11 -15.10 3.63
C GLU E 53 -10.44 -15.06 5.14
N GLY E 54 -11.72 -14.84 5.49
CA GLY E 54 -12.31 -14.91 6.84
C GLY E 54 -12.22 -13.64 7.66
N THR E 55 -11.99 -12.44 7.10
CA THR E 55 -11.61 -11.22 7.90
C THR E 55 -12.29 -9.94 7.37
N THR E 56 -13.62 -9.87 7.44
CA THR E 56 -14.40 -8.61 7.44
C THR E 56 -13.93 -7.61 8.52
N ALA E 57 -14.18 -6.31 8.32
CA ALA E 57 -13.88 -5.20 9.26
C ALA E 57 -14.50 -3.89 8.74
N LYS E 58 -15.00 -3.05 9.65
CA LYS E 58 -15.92 -1.91 9.35
C LYS E 58 -15.16 -0.81 8.62
N GLY E 59 -15.85 -0.04 7.78
CA GLY E 59 -15.30 1.13 7.10
C GLY E 59 -15.90 2.38 7.69
N GLU E 60 -15.93 3.47 6.94
CA GLU E 60 -16.47 4.77 7.43
C GLU E 60 -18.01 4.79 7.40
N VAL E 61 -18.72 3.84 6.79
CA VAL E 61 -20.22 3.91 6.73
C VAL E 61 -20.85 2.51 6.83
N PRO E 62 -20.53 1.71 7.88
CA PRO E 62 -20.99 0.32 7.95
C PRO E 62 -22.48 0.14 8.21
N ASP E 63 -23.14 1.11 8.86
CA ASP E 63 -24.45 0.86 9.54
C ASP E 63 -25.49 0.43 8.49
N GLY E 64 -26.17 -0.70 8.75
CA GLY E 64 -27.29 -1.20 7.93
C GLY E 64 -26.82 -2.16 6.86
N TYR E 65 -25.49 -2.28 6.68
CA TYR E 65 -24.82 -3.32 5.86
C TYR E 65 -24.07 -4.31 6.76
N ASN E 66 -23.97 -5.56 6.31
CA ASN E 66 -23.03 -6.60 6.84
C ASN E 66 -22.41 -7.34 5.64
N VAL E 67 -21.33 -8.10 5.87
CA VAL E 67 -20.53 -8.74 4.77
C VAL E 67 -19.95 -10.09 5.20
N SER E 68 -19.61 -10.91 4.23
CA SER E 68 -18.94 -12.21 4.45
C SER E 68 -17.74 -12.29 3.50
N ARG E 69 -16.69 -12.98 3.92
CA ARG E 69 -15.55 -13.38 3.06
C ARG E 69 -15.22 -14.84 3.36
N LEU E 70 -16.14 -15.75 3.03
CA LEU E 70 -15.89 -17.20 3.28
C LEU E 70 -14.63 -17.57 2.49
N LYS E 71 -14.52 -17.11 1.23
CA LYS E 71 -13.41 -17.45 0.32
C LYS E 71 -12.74 -16.16 -0.16
N LYS E 72 -11.44 -16.28 -0.49
CA LYS E 72 -10.54 -15.23 -1.04
C LYS E 72 -11.21 -14.61 -2.25
N GLN E 73 -11.88 -15.44 -3.04
CA GLN E 73 -12.43 -15.09 -4.37
C GLN E 73 -13.55 -14.04 -4.24
N ASN E 74 -14.43 -14.16 -3.22
CA ASN E 74 -15.72 -13.40 -3.19
C ASN E 74 -15.88 -12.60 -1.89
N PHE E 75 -16.68 -11.52 -1.98
CA PHE E 75 -17.02 -10.58 -0.89
C PHE E 75 -18.49 -10.17 -1.01
N LEU E 76 -19.34 -10.65 -0.09
CA LEU E 76 -20.82 -10.47 -0.12
C LEU E 76 -21.20 -9.26 0.73
N LEU E 77 -22.02 -8.38 0.17
CA LEU E 77 -22.60 -7.17 0.83
C LEU E 77 -24.08 -7.46 1.07
N GLY E 78 -24.46 -7.65 2.34
CA GLY E 78 -25.86 -7.90 2.71
C GLY E 78 -26.55 -6.64 3.20
N LEU E 79 -27.73 -6.35 2.66
CA LEU E 79 -28.72 -5.43 3.27
C LEU E 79 -29.79 -6.30 3.93
N GLU E 80 -29.76 -6.44 5.24
CA GLU E 80 -30.73 -7.30 5.97
C GLU E 80 -32.11 -6.63 5.97
N SER E 81 -32.15 -5.31 6.22
CA SER E 81 -33.36 -4.45 6.07
C SER E 81 -33.03 -3.13 5.35
N ALA E 82 -33.67 -2.93 4.19
CA ALA E 82 -33.31 -1.91 3.17
C ALA E 82 -34.01 -0.60 3.53
N ALA E 83 -33.25 0.48 3.48
CA ALA E 83 -33.72 1.85 3.77
C ALA E 83 -33.54 2.73 2.54
N PRO E 84 -34.46 3.69 2.30
CA PRO E 84 -34.30 4.66 1.24
C PRO E 84 -32.94 5.35 1.23
N SER E 85 -32.22 5.36 2.35
CA SER E 85 -30.87 5.98 2.45
C SER E 85 -29.87 5.18 1.60
N GLN E 86 -30.21 3.92 1.31
CA GLN E 86 -29.27 2.91 0.77
C GLN E 86 -29.45 2.87 -0.76
N THR E 87 -30.41 3.66 -1.29
CA THR E 87 -30.48 3.89 -2.76
C THR E 87 -29.17 4.61 -3.09
N SER E 88 -28.35 4.00 -3.92
CA SER E 88 -26.96 4.43 -4.18
C SER E 88 -26.39 3.62 -5.35
N VAL E 89 -25.14 3.92 -5.72
CA VAL E 89 -24.37 3.08 -6.66
C VAL E 89 -23.31 2.37 -5.84
N TYR E 90 -23.35 1.04 -5.80
CA TYR E 90 -22.43 0.22 -4.98
C TYR E 90 -21.32 -0.30 -5.90
N PHE E 91 -20.09 -0.14 -5.43
CA PHE E 91 -18.85 -0.51 -6.15
C PHE E 91 -18.03 -1.42 -5.28
N CYS E 92 -17.90 -2.65 -5.72
CA CYS E 92 -16.91 -3.61 -5.18
C CYS E 92 -15.53 -3.13 -5.62
N ALA E 93 -14.47 -3.67 -5.00
CA ALA E 93 -13.06 -3.36 -5.35
C ALA E 93 -12.14 -4.36 -4.69
N SER E 94 -10.93 -4.49 -5.22
CA SER E 94 -9.92 -5.43 -4.70
C SER E 94 -8.56 -4.78 -4.82
N LYS E 95 -7.52 -5.42 -4.27
CA LYS E 95 -6.13 -4.91 -4.28
C LYS E 95 -5.21 -6.08 -3.96
N VAL E 96 -4.06 -6.18 -4.62
CA VAL E 96 -3.30 -7.47 -4.65
C VAL E 96 -2.89 -7.86 -3.23
N GLY E 97 -2.52 -6.89 -2.40
CA GLY E 97 -2.07 -7.19 -1.02
C GLY E 97 -0.59 -6.87 -0.84
N PRO E 98 0.07 -7.44 0.19
CA PRO E 98 1.36 -6.94 0.70
C PRO E 98 2.54 -7.27 -0.21
N GLY E 99 2.37 -8.27 -1.08
CA GLY E 99 3.27 -8.52 -2.20
C GLY E 99 3.48 -7.27 -3.05
N GLN E 100 2.51 -6.35 -3.08
CA GLN E 100 2.65 -5.11 -3.87
C GLN E 100 1.84 -3.99 -3.22
N HIS E 101 2.40 -3.30 -2.23
CA HIS E 101 1.72 -2.17 -1.52
C HIS E 101 1.32 -1.04 -2.50
N ASN E 102 2.13 -0.85 -3.55
CA ASN E 102 1.95 0.28 -4.49
C ASN E 102 0.72 0.04 -5.37
N SER E 103 0.24 -1.21 -5.44
CA SER E 103 -1.02 -1.66 -6.10
C SER E 103 -2.13 -0.65 -5.90
N PRO E 104 -2.85 -0.26 -6.96
CA PRO E 104 -4.09 0.48 -6.81
C PRO E 104 -5.31 -0.43 -6.57
N LEU E 105 -6.40 0.23 -6.23
CA LEU E 105 -7.72 -0.41 -6.13
C LEU E 105 -8.19 -0.71 -7.55
N HIS E 106 -8.60 -1.95 -7.80
CA HIS E 106 -9.38 -2.37 -8.99
C HIS E 106 -10.87 -2.33 -8.67
N PHE E 107 -11.64 -1.42 -9.26
CA PHE E 107 -13.12 -1.33 -9.05
C PHE E 107 -13.89 -2.34 -9.90
N GLY E 108 -15.14 -2.58 -9.58
CA GLY E 108 -16.03 -3.33 -10.48
C GLY E 108 -16.95 -2.41 -11.28
N ASN E 109 -17.81 -3.03 -12.09
CA ASN E 109 -18.89 -2.38 -12.90
C ASN E 109 -19.75 -1.50 -11.95
N GLY E 110 -20.16 -2.02 -10.80
CA GLY E 110 -21.03 -1.29 -9.85
C GLY E 110 -22.51 -1.68 -9.96
N THR E 111 -23.18 -1.87 -8.82
CA THR E 111 -24.65 -2.06 -8.74
C THR E 111 -25.39 -0.74 -8.52
N ARG E 112 -26.50 -0.54 -9.23
CA ARG E 112 -27.34 0.67 -9.04
C ARG E 112 -28.60 0.21 -8.32
N LEU E 113 -28.68 0.43 -7.01
CA LEU E 113 -29.79 -0.05 -6.14
C LEU E 113 -30.72 1.14 -5.89
N THR E 114 -32.04 0.96 -6.05
CA THR E 114 -33.04 1.98 -5.64
C THR E 114 -33.99 1.36 -4.60
N VAL E 115 -33.96 1.81 -3.34
CA VAL E 115 -34.91 1.38 -2.28
C VAL E 115 -36.07 2.37 -2.23
N THR E 116 -37.31 1.89 -2.36
CA THR E 116 -38.53 2.75 -2.35
C THR E 116 -39.58 2.29 -1.33
N GLU E 117 -40.31 3.27 -0.78
CA GLU E 117 -41.40 3.07 0.22
C GLU E 117 -42.43 2.06 -0.32
N ASP E 118 -42.70 2.07 -1.63
CA ASP E 118 -43.81 1.29 -2.26
C ASP E 118 -43.39 0.90 -3.70
N LEU E 119 -43.73 -0.32 -4.13
CA LEU E 119 -43.38 -0.81 -5.48
C LEU E 119 -44.46 -0.35 -6.47
N ASN E 120 -45.43 0.43 -6.02
CA ASN E 120 -46.48 1.01 -6.91
C ASN E 120 -45.94 2.31 -7.51
N LYS E 121 -44.81 2.84 -7.03
CA LYS E 121 -44.15 3.99 -7.71
C LYS E 121 -43.28 3.50 -8.87
N VAL E 122 -43.00 2.20 -8.98
CA VAL E 122 -42.23 1.59 -10.12
C VAL E 122 -43.13 1.67 -11.37
N PHE E 123 -42.57 2.08 -12.52
CA PHE E 123 -43.27 2.25 -13.82
C PHE E 123 -42.27 1.97 -14.94
N PRO E 124 -42.68 1.30 -16.03
CA PRO E 124 -41.77 1.05 -17.15
C PRO E 124 -41.78 2.33 -17.94
N PRO E 125 -40.84 2.50 -18.89
CA PRO E 125 -40.82 3.70 -19.73
C PRO E 125 -41.91 3.60 -20.81
N GLU E 126 -42.35 4.77 -21.30
CA GLU E 126 -43.07 4.94 -22.58
C GLU E 126 -42.15 5.60 -23.59
N VAL E 127 -42.03 4.94 -24.73
CA VAL E 127 -40.97 5.19 -25.74
C VAL E 127 -41.66 5.61 -27.01
N ALA E 128 -41.15 6.67 -27.64
CA ALA E 128 -41.74 7.18 -28.89
C ALA E 128 -40.63 7.69 -29.80
N VAL E 129 -40.69 7.32 -31.07
CA VAL E 129 -39.70 7.83 -32.06
C VAL E 129 -40.35 8.99 -32.80
N PHE E 130 -39.70 10.15 -32.80
CA PHE E 130 -40.23 11.34 -33.50
C PHE E 130 -39.43 11.54 -34.77
N GLU E 131 -40.11 11.87 -35.86
CA GLU E 131 -39.52 11.86 -37.22
C GLU E 131 -38.80 13.17 -37.53
N PRO E 132 -37.79 13.10 -38.44
CA PRO E 132 -37.02 14.26 -38.86
C PRO E 132 -37.91 15.39 -39.41
N SER E 133 -37.54 16.65 -39.14
CA SER E 133 -38.12 17.89 -39.72
C SER E 133 -37.78 17.96 -41.20
N GLU E 134 -38.77 18.22 -42.05
CA GLU E 134 -38.54 18.50 -43.49
C GLU E 134 -37.58 19.69 -43.62
N ALA E 135 -37.66 20.66 -42.70
CA ALA E 135 -36.76 21.84 -42.64
C ALA E 135 -35.31 21.36 -42.67
N GLU E 136 -34.96 20.48 -41.73
CA GLU E 136 -33.58 20.00 -41.49
C GLU E 136 -33.04 19.48 -42.82
N ILE E 137 -33.86 18.74 -43.57
CA ILE E 137 -33.39 17.91 -44.72
C ILE E 137 -33.08 18.77 -45.96
N SER E 138 -33.85 19.83 -46.21
CA SER E 138 -33.58 20.74 -47.35
C SER E 138 -32.76 21.92 -46.85
N HIS E 139 -32.15 21.83 -45.68
CA HIS E 139 -31.19 22.82 -45.14
C HIS E 139 -29.80 22.17 -44.92
N THR E 140 -29.75 20.97 -44.33
CA THR E 140 -28.46 20.32 -43.97
C THR E 140 -28.25 19.00 -44.72
N GLN E 141 -29.18 18.59 -45.56
CA GLN E 141 -29.14 17.31 -46.32
C GLN E 141 -28.84 16.16 -45.35
N LYS E 142 -29.32 16.27 -44.11
CA LYS E 142 -29.30 15.18 -43.13
C LYS E 142 -30.56 15.26 -42.27
N ALA E 143 -30.81 14.21 -41.47
CA ALA E 143 -32.09 13.92 -40.78
C ALA E 143 -31.84 13.32 -39.39
N THR E 144 -32.16 14.06 -38.33
CA THR E 144 -32.02 13.63 -36.93
C THR E 144 -33.36 13.01 -36.48
N LEU E 145 -33.39 11.70 -36.17
CA LEU E 145 -34.50 11.04 -35.42
C LEU E 145 -34.27 11.27 -33.92
N VAL E 146 -35.29 11.69 -33.17
CA VAL E 146 -35.25 11.73 -31.69
C VAL E 146 -36.02 10.51 -31.17
N CYS E 147 -35.55 9.97 -30.06
CA CYS E 147 -36.26 8.96 -29.25
C CYS E 147 -36.43 9.53 -27.85
N LEU E 148 -37.56 9.26 -27.22
CA LEU E 148 -37.93 9.80 -25.89
C LEU E 148 -38.57 8.68 -25.06
N ALA E 149 -37.87 8.23 -24.02
CA ALA E 149 -38.42 7.37 -22.95
C ALA E 149 -38.92 8.30 -21.85
N THR E 150 -40.17 8.13 -21.38
CA THR E 150 -40.78 8.96 -20.32
C THR E 150 -41.46 8.11 -19.27
N GLY E 151 -41.49 8.64 -18.04
CA GLY E 151 -42.43 8.21 -16.99
C GLY E 151 -42.01 6.95 -16.29
N PHE E 152 -40.75 6.56 -16.45
CA PHE E 152 -40.17 5.34 -15.85
C PHE E 152 -39.55 5.66 -14.48
N TYR E 153 -39.61 4.69 -13.57
CA TYR E 153 -38.90 4.68 -12.27
C TYR E 153 -38.73 3.24 -11.82
N PRO E 154 -37.56 2.82 -11.30
CA PRO E 154 -36.41 3.70 -11.12
C PRO E 154 -35.71 4.10 -12.44
N ASP E 155 -34.62 4.88 -12.29
CA ASP E 155 -33.83 5.45 -13.41
C ASP E 155 -32.88 4.36 -13.91
N HIS E 156 -33.38 3.16 -14.23
CA HIS E 156 -32.55 2.00 -14.67
C HIS E 156 -32.89 1.59 -16.12
N VAL E 157 -32.37 2.30 -17.12
CA VAL E 157 -32.72 2.02 -18.55
C VAL E 157 -31.43 1.98 -19.36
N GLU E 158 -31.44 1.25 -20.45
CA GLU E 158 -30.33 1.25 -21.41
C GLU E 158 -30.97 1.44 -22.78
N LEU E 159 -30.63 2.50 -23.49
CA LEU E 159 -31.24 2.84 -24.80
C LEU E 159 -30.31 2.42 -25.93
N SER E 160 -30.87 1.91 -26.99
CA SER E 160 -30.15 1.46 -28.19
C SER E 160 -31.04 1.74 -29.37
N TRP E 161 -30.51 2.38 -30.41
CA TRP E 161 -31.11 2.46 -31.76
C TRP E 161 -30.79 1.21 -32.54
N TRP E 162 -31.73 0.77 -33.36
CA TRP E 162 -31.63 -0.44 -34.23
C TRP E 162 -32.13 -0.08 -35.63
N VAL E 163 -31.26 -0.23 -36.63
CA VAL E 163 -31.57 0.04 -38.06
C VAL E 163 -31.53 -1.29 -38.79
N ASN E 164 -32.55 -1.55 -39.61
CA ASN E 164 -32.72 -2.82 -40.38
C ASN E 164 -32.16 -4.04 -39.65
N GLY E 165 -32.53 -4.21 -38.38
CA GLY E 165 -32.27 -5.43 -37.60
C GLY E 165 -30.99 -5.40 -36.81
N LYS E 166 -30.09 -4.41 -36.99
CA LYS E 166 -28.72 -4.38 -36.37
C LYS E 166 -28.53 -3.14 -35.47
N GLU E 167 -28.04 -3.32 -34.25
CA GLU E 167 -27.79 -2.19 -33.31
C GLU E 167 -26.78 -1.31 -34.04
N VAL E 168 -26.97 0.01 -34.04
CA VAL E 168 -25.99 0.96 -34.62
C VAL E 168 -25.38 1.75 -33.47
N HIS E 169 -24.43 2.62 -33.78
CA HIS E 169 -23.64 3.46 -32.85
C HIS E 169 -23.20 4.76 -33.53
N SER E 170 -22.72 4.66 -34.76
CA SER E 170 -22.41 5.83 -35.61
C SER E 170 -23.68 6.66 -35.67
N GLY E 171 -23.57 7.93 -35.32
CA GLY E 171 -24.63 8.96 -35.48
C GLY E 171 -25.50 9.08 -34.25
N VAL E 172 -25.28 8.20 -33.26
CA VAL E 172 -26.14 8.08 -32.06
C VAL E 172 -25.60 9.01 -31.00
N CYS E 173 -26.51 9.68 -30.30
CA CYS E 173 -26.23 10.50 -29.11
C CYS E 173 -27.34 10.25 -28.09
N THR E 174 -27.00 9.96 -26.85
CA THR E 174 -27.96 9.63 -25.77
C THR E 174 -27.55 10.41 -24.52
N ASP E 175 -28.53 10.96 -23.79
CA ASP E 175 -28.27 11.80 -22.60
C ASP E 175 -27.37 10.97 -21.69
N PRO E 176 -26.37 11.56 -21.00
CA PRO E 176 -25.55 10.81 -20.07
C PRO E 176 -26.39 10.14 -18.97
N GLN E 177 -27.29 10.87 -18.31
CA GLN E 177 -28.20 10.25 -17.29
C GLN E 177 -29.64 10.61 -17.60
N PRO E 178 -30.62 9.84 -17.08
CA PRO E 178 -32.02 10.20 -17.22
C PRO E 178 -32.26 11.44 -16.37
N LEU E 179 -32.94 12.48 -16.87
CA LEU E 179 -33.37 13.65 -16.05
C LEU E 179 -34.68 13.31 -15.31
N LYS E 180 -34.99 14.07 -14.25
CA LYS E 180 -36.20 13.93 -13.40
C LYS E 180 -37.34 14.82 -13.96
N GLU E 181 -38.50 14.21 -14.10
CA GLU E 181 -39.69 14.89 -14.64
C GLU E 181 -40.20 15.84 -13.56
N GLN E 182 -39.82 15.62 -12.29
CA GLN E 182 -40.23 16.47 -11.13
C GLN E 182 -39.04 16.52 -10.14
N PRO E 183 -38.03 17.37 -10.42
CA PRO E 183 -36.82 17.42 -9.61
C PRO E 183 -37.00 17.67 -8.10
N ALA E 184 -38.11 18.22 -7.62
CA ALA E 184 -38.29 18.46 -6.16
C ALA E 184 -38.73 17.19 -5.43
N LEU E 185 -39.08 16.10 -6.14
CA LEU E 185 -39.69 14.86 -5.58
C LEU E 185 -38.58 13.80 -5.44
N ASN E 186 -38.45 13.15 -4.27
CA ASN E 186 -37.44 12.07 -4.05
C ASN E 186 -37.88 10.80 -4.76
N ASP E 187 -39.18 10.64 -5.00
CA ASP E 187 -39.82 9.49 -5.68
C ASP E 187 -40.07 9.79 -7.17
N SER E 188 -39.62 10.95 -7.69
CA SER E 188 -39.86 11.40 -9.09
C SER E 188 -39.54 10.29 -10.07
N ARG E 189 -40.25 10.27 -11.18
CA ARG E 189 -40.01 9.43 -12.37
C ARG E 189 -39.17 10.19 -13.40
N TYR E 190 -38.76 9.53 -14.49
CA TYR E 190 -37.59 9.92 -15.30
C TYR E 190 -37.94 9.93 -16.81
N ALA E 191 -37.17 10.74 -17.55
CA ALA E 191 -37.07 10.74 -19.02
C ALA E 191 -35.60 10.57 -19.46
N LEU E 192 -35.41 9.92 -20.60
CA LEU E 192 -34.13 9.89 -21.33
C LEU E 192 -34.38 10.28 -22.79
N SER E 193 -33.62 11.20 -23.39
CA SER E 193 -33.68 11.41 -24.86
C SER E 193 -32.45 10.77 -25.52
N SER E 194 -32.55 10.48 -26.81
CA SER E 194 -31.46 9.98 -27.69
C SER E 194 -31.68 10.52 -29.09
N ARG E 195 -30.65 10.53 -29.92
CA ARG E 195 -30.71 11.10 -31.29
C ARG E 195 -29.97 10.14 -32.22
N LEU E 196 -30.43 9.97 -33.44
CA LEU E 196 -29.75 9.18 -34.50
C LEU E 196 -29.77 10.00 -35.78
N ARG E 197 -28.62 10.56 -36.16
CA ARG E 197 -28.54 11.40 -37.38
C ARG E 197 -28.12 10.52 -38.56
N VAL E 198 -28.81 10.71 -39.69
CA VAL E 198 -28.53 9.95 -40.96
C VAL E 198 -28.65 10.90 -42.16
N SER E 199 -27.85 10.65 -43.19
CA SER E 199 -28.01 11.31 -44.51
C SER E 199 -29.47 11.19 -44.91
N ALA E 200 -30.07 12.31 -45.29
CA ALA E 200 -31.51 12.39 -45.65
C ALA E 200 -31.85 11.26 -46.63
N THR E 201 -30.97 10.93 -47.57
CA THR E 201 -31.26 9.93 -48.64
C THR E 201 -31.53 8.57 -47.99
N PHE E 202 -30.87 8.29 -46.86
CA PHE E 202 -31.07 7.06 -46.03
C PHE E 202 -32.43 7.12 -45.33
N TRP E 203 -32.82 8.26 -44.76
CA TRP E 203 -34.13 8.39 -44.08
C TRP E 203 -35.30 8.37 -45.10
N GLN E 204 -35.08 8.83 -46.34
CA GLN E 204 -36.19 9.04 -47.30
C GLN E 204 -36.53 7.72 -48.00
N ASP E 205 -35.58 6.78 -47.96
CA ASP E 205 -35.67 5.37 -48.45
C ASP E 205 -36.59 4.58 -47.51
N PRO E 206 -37.77 4.13 -47.97
CA PRO E 206 -38.75 3.50 -47.08
C PRO E 206 -38.48 2.00 -46.95
N ARG E 207 -37.29 1.55 -47.34
CA ARG E 207 -36.76 0.18 -47.12
C ARG E 207 -36.00 0.18 -45.80
N ASN E 208 -35.81 1.34 -45.17
CA ASN E 208 -35.06 1.41 -43.88
C ASN E 208 -36.03 1.54 -42.70
N HIS E 209 -35.90 0.60 -41.76
CA HIS E 209 -36.62 0.52 -40.46
C HIS E 209 -35.73 1.08 -39.34
N PHE E 210 -36.27 2.03 -38.57
CA PHE E 210 -35.61 2.57 -37.36
C PHE E 210 -36.37 2.08 -36.14
N ARG E 211 -35.66 1.60 -35.11
CA ARG E 211 -36.27 1.23 -33.81
C ARG E 211 -35.42 1.76 -32.66
N CYS E 212 -35.97 2.69 -31.92
CA CYS E 212 -35.55 3.03 -30.54
C CYS E 212 -35.94 1.90 -29.60
N GLN E 213 -34.99 1.40 -28.82
CA GLN E 213 -35.24 0.27 -27.86
C GLN E 213 -34.73 0.60 -26.46
N VAL E 214 -35.56 0.55 -25.43
CA VAL E 214 -35.19 0.86 -24.01
C VAL E 214 -35.38 -0.40 -23.17
N GLN E 215 -34.28 -1.01 -22.71
CA GLN E 215 -34.22 -2.07 -21.66
C GLN E 215 -34.45 -1.38 -20.32
N PHE E 216 -35.55 -1.74 -19.65
CA PHE E 216 -35.94 -1.25 -18.30
C PHE E 216 -35.71 -2.38 -17.30
N TYR E 217 -35.06 -2.07 -16.17
CA TYR E 217 -34.84 -3.01 -15.05
C TYR E 217 -35.74 -2.63 -13.88
N GLY E 218 -36.75 -3.47 -13.64
CA GLY E 218 -37.80 -3.20 -12.66
C GLY E 218 -37.94 -4.37 -11.71
N LEU E 219 -39.16 -4.86 -11.55
CA LEU E 219 -39.46 -5.88 -10.52
C LEU E 219 -39.05 -7.23 -11.07
N SER E 220 -38.47 -8.09 -10.22
CA SER E 220 -38.19 -9.51 -10.51
C SER E 220 -39.54 -10.25 -10.45
N GLU E 221 -39.56 -11.53 -10.83
CA GLU E 221 -40.83 -12.30 -10.84
C GLU E 221 -41.26 -12.50 -9.38
N ASN E 222 -40.31 -12.77 -8.47
CA ASN E 222 -40.51 -13.05 -7.01
C ASN E 222 -41.24 -11.92 -6.26
N ASP E 223 -41.09 -10.63 -6.62
CA ASP E 223 -41.90 -9.54 -6.03
C ASP E 223 -43.37 -9.94 -6.19
N GLU E 224 -44.22 -9.68 -5.19
CA GLU E 224 -45.69 -9.91 -5.27
C GLU E 224 -46.27 -8.80 -6.14
N TRP E 225 -47.57 -8.76 -6.43
CA TRP E 225 -48.10 -7.65 -7.27
C TRP E 225 -49.64 -7.63 -7.39
N THR E 226 -50.29 -6.67 -6.73
CA THR E 226 -51.76 -6.65 -6.53
C THR E 226 -52.38 -5.36 -7.12
N GLN E 227 -52.05 -5.00 -8.36
CA GLN E 227 -52.70 -3.88 -9.12
C GLN E 227 -53.13 -4.36 -10.52
N ASP E 228 -53.90 -3.50 -11.22
CA ASP E 228 -54.66 -3.84 -12.48
C ASP E 228 -53.83 -3.46 -13.71
N ARG E 229 -52.93 -2.46 -13.62
CA ARG E 229 -51.85 -2.22 -14.61
C ARG E 229 -50.79 -3.32 -14.45
N ALA E 230 -50.12 -3.69 -15.56
CA ALA E 230 -49.20 -4.86 -15.63
C ALA E 230 -48.04 -4.70 -14.61
N LYS E 231 -47.68 -5.78 -13.92
CA LYS E 231 -46.39 -5.88 -13.18
C LYS E 231 -45.31 -5.13 -13.95
N PRO E 232 -44.75 -4.02 -13.41
CA PRO E 232 -43.58 -3.39 -14.02
C PRO E 232 -42.29 -4.20 -13.79
N VAL E 233 -42.15 -5.33 -14.51
CA VAL E 233 -40.95 -6.21 -14.51
C VAL E 233 -39.86 -5.59 -15.40
N THR E 234 -38.62 -6.04 -15.23
CA THR E 234 -37.54 -5.97 -16.26
C THR E 234 -38.18 -6.34 -17.61
N GLN E 235 -38.03 -5.47 -18.60
CA GLN E 235 -38.65 -5.67 -19.94
C GLN E 235 -38.04 -4.66 -20.92
N ILE E 236 -38.25 -4.89 -22.22
CA ILE E 236 -37.93 -3.92 -23.30
C ILE E 236 -39.22 -3.23 -23.75
N VAL E 237 -39.16 -1.92 -23.90
CA VAL E 237 -40.20 -1.11 -24.59
C VAL E 237 -39.54 -0.38 -25.76
N SER E 238 -40.14 -0.50 -26.95
CA SER E 238 -39.57 -0.07 -28.25
C SER E 238 -40.52 0.99 -28.82
N ALA E 239 -40.04 1.67 -29.87
CA ALA E 239 -40.85 2.64 -30.62
C ALA E 239 -40.29 2.51 -32.04
N GLU E 240 -41.12 2.62 -33.08
CA GLU E 240 -40.57 2.35 -34.42
C GLU E 240 -41.02 3.37 -35.47
N ALA E 241 -40.15 3.68 -36.41
CA ALA E 241 -40.49 4.56 -37.55
C ALA E 241 -39.82 3.97 -38.78
N TRP E 242 -40.54 4.03 -39.91
CA TRP E 242 -40.04 3.71 -41.28
C TRP E 242 -39.61 4.99 -42.02
N GLY E 243 -38.77 4.85 -43.07
CA GLY E 243 -38.37 5.94 -43.98
C GLY E 243 -39.52 6.46 -44.87
N ARG E 244 -39.44 7.74 -45.27
CA ARG E 244 -40.57 8.63 -45.67
C ARG E 244 -40.08 9.79 -46.57
N ALA E 245 -40.46 9.76 -47.85
CA ALA E 245 -40.39 10.87 -48.85
C ALA E 245 -41.22 12.08 -48.37
S SO4 F . -1.66 -3.86 -10.30
O1 SO4 F . -2.30 -4.42 -9.15
O2 SO4 F . -0.70 -2.85 -9.91
O3 SO4 F . -0.97 -4.92 -11.00
O4 SO4 F . -2.64 -3.25 -11.16
S SO4 G . -21.92 1.46 -36.53
O1 SO4 G . -22.91 2.46 -36.29
O2 SO4 G . -20.78 1.69 -35.68
O3 SO4 G . -21.52 1.54 -37.91
O4 SO4 G . -22.46 0.15 -36.26
#